data_8R1U
#
_entry.id   8R1U
#
_cell.length_a   1.00
_cell.length_b   1.00
_cell.length_c   1.00
_cell.angle_alpha   90.00
_cell.angle_beta   90.00
_cell.angle_gamma   90.00
#
_symmetry.space_group_name_H-M   'P 1'
#
loop_
_entity.id
_entity.type
_entity.pdbx_description
1 polymer Mucin-5AC
2 non-polymer 'CALCIUM ION'
#
_entity_poly.entity_id   1
_entity_poly.type   'polypeptide(L)'
_entity_poly.pdbx_seq_one_letter_code
;DAAQPARRAVRSSRHHHHHHGSATCAVYGDGHYLTFDGQSYSFNGDCEYTLVQNHCGGKDSTQDSFRVVTENVPCGTTGT
TCSKAIKIFLGGFELKLSHGKVEVIGTDESQEVPYTIRQMGIYLVVDTDIGLVLLWDKKTSIFINLSPEFKGRVCGLCGN
FDDIAVNDFATRSRSVVGDVLEFGNSWKLSPSCPDALAPKDPCTANPFRKSWAQKQCSILHGPTFAACHAHVEPARYYEA
CVNDACACDSGGDCECFCTAVAAYAQACHEVGLCVSWRTPSICPLFCDYYNPEGQCEWHYQPCGVPCLRTCRNPRGDCLR
DVWGLEGCYPKCPPEAPIFDEDKMQCVATCPTPPLPPRCHVHGKSYRPGAVVPSDKNCQSCLCTERGVECTYKAEACVCT
YNGQRFHPGDVIYHTTDGTGGCISARCGANGTIERRVYPCSPTTPVPPTTFSFSTPPLVVSSTHTPSNGPSSAHTGPPSS
AWPTTAGTDDDDKTSEQKLISEEDLSRKLTR
;
_entity_poly.pdbx_strand_id   A,B
#
loop_
_chem_comp.id
_chem_comp.type
_chem_comp.name
_chem_comp.formula
CA non-polymer 'CALCIUM ION' 'Ca 2'
#
# COMPACT_ATOMS: atom_id res chain seq x y z
N ALA A 23 2.89 28.04 -15.93
CA ALA A 23 1.51 28.17 -15.47
C ALA A 23 0.82 26.83 -15.46
N THR A 24 0.43 26.37 -14.28
CA THR A 24 -0.23 25.07 -14.13
C THR A 24 -1.25 25.17 -13.02
N CYS A 25 -2.51 24.89 -13.35
CA CYS A 25 -3.58 24.84 -12.36
C CYS A 25 -3.56 23.44 -11.74
N ALA A 26 -3.18 23.37 -10.47
CA ALA A 26 -3.03 22.10 -9.78
C ALA A 26 -4.12 21.95 -8.72
N VAL A 27 -4.91 20.89 -8.83
CA VAL A 27 -5.92 20.54 -7.84
C VAL A 27 -5.66 19.11 -7.39
N TYR A 28 -5.51 18.91 -6.09
CA TYR A 28 -5.18 17.59 -5.56
C TYR A 28 -5.65 17.51 -4.11
N GLY A 29 -5.71 16.27 -3.61
CA GLY A 29 -5.97 16.04 -2.21
C GLY A 29 -7.29 16.63 -1.77
N ASP A 30 -7.27 17.36 -0.66
CA ASP A 30 -8.45 17.99 -0.10
C ASP A 30 -8.29 19.51 -0.20
N GLY A 31 -8.86 20.09 -1.26
CA GLY A 31 -8.90 21.54 -1.37
C GLY A 31 -7.55 22.20 -1.47
N HIS A 32 -6.67 21.68 -2.31
CA HIS A 32 -5.34 22.27 -2.54
C HIS A 32 -5.32 22.77 -3.98
N TYR A 33 -5.51 24.08 -4.14
CA TYR A 33 -5.58 24.71 -5.44
C TYR A 33 -4.38 25.63 -5.64
N LEU A 34 -3.78 25.55 -6.83
CA LEU A 34 -2.69 26.43 -7.21
C LEU A 34 -3.02 27.04 -8.57
N THR A 35 -3.16 28.36 -8.60
CA THR A 35 -3.60 29.04 -9.81
C THR A 35 -2.49 29.07 -10.86
N PHE A 36 -2.83 29.57 -12.04
CA PHE A 36 -1.87 29.64 -13.13
C PHE A 36 -0.72 30.57 -12.78
N ASP A 37 -1.02 31.72 -12.18
CA ASP A 37 0.01 32.71 -11.88
C ASP A 37 0.84 32.37 -10.66
N GLY A 38 0.47 31.34 -9.91
CA GLY A 38 1.27 30.92 -8.77
C GLY A 38 0.68 31.32 -7.43
N GLN A 39 -0.63 31.31 -7.33
CA GLN A 39 -1.33 31.62 -6.09
C GLN A 39 -1.86 30.33 -5.46
N SER A 40 -1.58 30.15 -4.17
CA SER A 40 -2.00 28.95 -3.45
C SER A 40 -2.97 29.33 -2.34
N TYR A 41 -4.00 28.50 -2.17
CA TYR A 41 -5.01 28.70 -1.14
C TYR A 41 -5.72 27.38 -0.90
N SER A 42 -6.75 27.41 -0.06
CA SER A 42 -7.53 26.22 0.26
C SER A 42 -9.02 26.55 0.20
N PHE A 43 -9.82 25.55 -0.16
CA PHE A 43 -11.25 25.74 -0.30
C PHE A 43 -11.92 24.37 -0.34
N ASN A 44 -12.99 24.22 0.43
CA ASN A 44 -13.73 22.97 0.50
C ASN A 44 -15.22 23.23 0.37
N GLY A 45 -15.92 22.28 -0.22
CA GLY A 45 -17.35 22.40 -0.41
C GLY A 45 -17.91 21.14 -1.04
N ASP A 46 -19.24 21.08 -1.11
CA ASP A 46 -19.96 19.93 -1.67
C ASP A 46 -20.95 20.44 -2.70
N CYS A 47 -20.49 20.58 -3.94
CA CYS A 47 -21.31 21.04 -5.06
C CYS A 47 -20.51 20.80 -6.34
N GLU A 48 -20.99 21.36 -7.44
CA GLU A 48 -20.31 21.29 -8.72
C GLU A 48 -19.66 22.63 -9.02
N TYR A 49 -18.37 22.61 -9.37
CA TYR A 49 -17.60 23.82 -9.59
C TYR A 49 -16.96 23.80 -10.96
N THR A 50 -16.99 24.95 -11.64
CA THR A 50 -16.35 25.11 -12.95
C THR A 50 -14.89 25.48 -12.74
N LEU A 51 -13.98 24.70 -13.34
CA LEU A 51 -12.56 24.97 -13.19
C LEU A 51 -12.11 26.05 -14.17
N VAL A 52 -12.26 25.80 -15.46
CA VAL A 52 -11.87 26.73 -16.51
C VAL A 52 -13.07 26.95 -17.42
N GLN A 53 -13.44 28.22 -17.64
CA GLN A 53 -14.55 28.57 -18.50
C GLN A 53 -14.08 29.52 -19.58
N ASN A 54 -14.55 29.29 -20.80
CA ASN A 54 -14.20 30.12 -21.95
C ASN A 54 -15.35 31.06 -22.28
N HIS A 55 -15.01 32.19 -22.89
CA HIS A 55 -15.99 33.21 -23.28
C HIS A 55 -16.84 33.64 -22.09
N CYS A 56 -16.19 33.85 -20.95
CA CYS A 56 -16.89 34.30 -19.76
C CYS A 56 -17.54 35.65 -20.00
N GLY A 57 -18.80 35.77 -19.62
CA GLY A 57 -19.55 36.97 -19.90
C GLY A 57 -20.09 37.06 -21.31
N GLY A 58 -20.13 35.93 -22.03
CA GLY A 58 -20.62 35.94 -23.39
C GLY A 58 -19.67 36.53 -24.42
N LYS A 59 -18.37 36.57 -24.11
CA LYS A 59 -17.38 37.14 -25.02
C LYS A 59 -16.99 36.07 -26.04
N ASP A 60 -17.84 35.93 -27.05
CA ASP A 60 -17.61 34.94 -28.11
C ASP A 60 -16.53 35.44 -29.06
N SER A 61 -15.27 35.19 -28.72
CA SER A 61 -14.15 35.62 -29.55
C SER A 61 -13.82 34.56 -30.60
N THR A 62 -14.81 34.33 -31.48
CA THR A 62 -14.77 33.37 -32.59
C THR A 62 -13.99 32.10 -32.23
N GLN A 63 -14.33 31.56 -31.06
CA GLN A 63 -13.71 30.34 -30.57
C GLN A 63 -14.74 29.47 -29.89
N ASP A 64 -14.55 28.16 -29.98
CA ASP A 64 -15.46 27.22 -29.34
C ASP A 64 -15.35 27.31 -27.82
N SER A 65 -16.50 27.24 -27.16
CA SER A 65 -16.53 27.35 -25.70
C SER A 65 -16.28 25.98 -25.08
N PHE A 66 -15.28 25.91 -24.20
CA PHE A 66 -14.95 24.68 -23.49
C PHE A 66 -15.08 24.90 -22.00
N ARG A 67 -15.66 23.92 -21.32
CA ARG A 67 -15.92 24.02 -19.89
C ARG A 67 -15.56 22.71 -19.21
N VAL A 68 -14.87 22.80 -18.08
CA VAL A 68 -14.51 21.64 -17.27
C VAL A 68 -15.10 21.83 -15.88
N VAL A 69 -15.81 20.81 -15.40
CA VAL A 69 -16.48 20.87 -14.11
C VAL A 69 -16.03 19.68 -13.26
N THR A 70 -16.22 19.82 -11.95
CA THR A 70 -15.82 18.79 -11.01
C THR A 70 -16.91 18.61 -9.96
N GLU A 71 -16.98 17.41 -9.39
CA GLU A 71 -17.92 17.07 -8.35
C GLU A 71 -17.17 16.74 -7.07
N ASN A 72 -17.64 17.28 -5.95
CA ASN A 72 -17.01 17.07 -4.65
C ASN A 72 -17.96 16.31 -3.74
N VAL A 73 -17.46 15.26 -3.09
CA VAL A 73 -18.24 14.48 -2.14
C VAL A 73 -17.44 14.35 -0.85
N PRO A 74 -18.09 14.22 0.30
CA PRO A 74 -17.35 14.07 1.55
C PRO A 74 -16.63 12.74 1.63
N CYS A 75 -15.36 12.77 2.02
CA CYS A 75 -14.53 11.58 2.19
C CYS A 75 -13.83 11.68 3.54
N GLY A 76 -14.49 11.19 4.57
CA GLY A 76 -13.93 11.24 5.92
C GLY A 76 -15.04 11.47 6.94
N THR A 77 -14.65 12.04 8.08
CA THR A 77 -15.61 12.38 9.13
C THR A 77 -15.51 13.82 9.61
N THR A 78 -14.41 14.53 9.32
CA THR A 78 -14.27 15.92 9.75
C THR A 78 -14.76 16.91 8.72
N GLY A 79 -15.33 16.45 7.61
CA GLY A 79 -15.88 17.33 6.60
C GLY A 79 -14.95 17.66 5.46
N THR A 80 -13.84 16.95 5.31
CA THR A 80 -12.94 17.21 4.20
C THR A 80 -13.59 16.79 2.88
N THR A 81 -13.06 17.33 1.79
CA THR A 81 -13.59 17.10 0.46
C THR A 81 -12.52 16.45 -0.42
N CYS A 82 -12.95 15.94 -1.56
CA CYS A 82 -12.06 15.34 -2.54
C CYS A 82 -12.83 15.20 -3.85
N SER A 83 -12.09 15.21 -4.95
CA SER A 83 -12.70 15.09 -6.26
C SER A 83 -13.02 13.64 -6.56
N LYS A 84 -14.30 13.36 -6.84
CA LYS A 84 -14.75 12.02 -7.17
C LYS A 84 -14.96 11.83 -8.66
N ALA A 85 -15.71 12.73 -9.29
CA ALA A 85 -15.99 12.64 -10.71
C ALA A 85 -15.69 13.98 -11.37
N ILE A 86 -15.17 13.93 -12.60
CA ILE A 86 -14.85 15.12 -13.38
C ILE A 86 -15.53 15.00 -14.73
N LYS A 87 -16.29 16.03 -15.10
CA LYS A 87 -16.97 16.08 -16.39
C LYS A 87 -16.37 17.19 -17.24
N ILE A 88 -16.25 16.93 -18.54
CA ILE A 88 -15.69 17.88 -19.49
C ILE A 88 -16.74 18.17 -20.55
N PHE A 89 -16.96 19.45 -20.83
CA PHE A 89 -17.91 19.90 -21.84
C PHE A 89 -17.12 20.60 -22.94
N LEU A 90 -16.67 19.84 -23.92
CA LEU A 90 -15.90 20.37 -25.05
C LEU A 90 -16.85 20.44 -26.25
N GLY A 91 -17.29 21.64 -26.58
CA GLY A 91 -18.24 21.80 -27.67
C GLY A 91 -19.53 21.08 -27.37
N GLY A 92 -19.99 20.28 -28.32
CA GLY A 92 -21.18 19.48 -28.13
C GLY A 92 -20.97 18.16 -27.44
N PHE A 93 -19.74 17.84 -27.07
CA PHE A 93 -19.41 16.58 -26.43
C PHE A 93 -19.51 16.70 -24.92
N GLU A 94 -19.52 15.55 -24.25
CA GLU A 94 -19.58 15.50 -22.78
C GLU A 94 -18.93 14.21 -22.33
N LEU A 95 -17.93 14.32 -21.46
CA LEU A 95 -17.18 13.18 -20.98
C LEU A 95 -17.38 12.99 -19.49
N LYS A 96 -17.25 11.74 -19.04
CA LYS A 96 -17.38 11.38 -17.64
C LYS A 96 -16.13 10.66 -17.18
N LEU A 97 -15.66 10.98 -15.98
CA LEU A 97 -14.44 10.39 -15.42
C LEU A 97 -14.76 9.90 -14.00
N SER A 98 -14.92 8.60 -13.85
CA SER A 98 -15.19 8.02 -12.54
C SER A 98 -14.76 6.56 -12.55
N HIS A 99 -14.43 6.06 -11.35
CA HIS A 99 -14.06 4.65 -11.16
C HIS A 99 -12.89 4.24 -12.04
N GLY A 100 -11.97 5.17 -12.30
CA GLY A 100 -10.82 4.87 -13.13
C GLY A 100 -11.16 4.48 -14.55
N LYS A 101 -12.18 5.11 -15.13
CA LYS A 101 -12.56 4.84 -16.50
C LYS A 101 -13.28 6.05 -17.07
N VAL A 102 -13.37 6.10 -18.40
CA VAL A 102 -13.97 7.21 -19.12
C VAL A 102 -15.16 6.69 -19.90
N GLU A 103 -16.29 7.38 -19.79
CA GLU A 103 -17.52 7.02 -20.49
C GLU A 103 -18.07 8.23 -21.20
N VAL A 104 -18.36 8.08 -22.49
CA VAL A 104 -18.92 9.16 -23.28
C VAL A 104 -20.40 9.29 -22.97
N ILE A 105 -20.83 10.50 -22.63
CA ILE A 105 -22.20 10.77 -22.23
C ILE A 105 -22.93 11.61 -23.27
N GLY A 106 -22.32 12.72 -23.70
CA GLY A 106 -22.99 13.61 -24.64
C GLY A 106 -23.24 12.95 -25.99
N THR A 107 -22.23 12.27 -26.52
CA THR A 107 -22.31 11.58 -27.81
C THR A 107 -22.81 12.52 -28.91
N ASP A 108 -22.00 13.54 -29.18
CA ASP A 108 -22.35 14.54 -30.17
C ASP A 108 -22.47 13.91 -31.56
N GLU A 109 -23.41 14.43 -32.34
CA GLU A 109 -23.74 13.85 -33.64
C GLU A 109 -23.12 14.68 -34.76
N SER A 110 -22.60 13.98 -35.77
CA SER A 110 -22.07 14.60 -36.99
C SER A 110 -20.91 15.55 -36.69
N GLN A 111 -20.14 15.25 -35.64
CA GLN A 111 -18.98 16.05 -35.29
C GLN A 111 -17.82 15.12 -34.96
N GLU A 112 -16.61 15.57 -35.29
CA GLU A 112 -15.42 14.79 -35.02
C GLU A 112 -15.03 14.89 -33.55
N VAL A 113 -14.67 13.76 -32.98
CA VAL A 113 -14.29 13.69 -31.56
C VAL A 113 -12.94 14.38 -31.39
N PRO A 114 -12.83 15.39 -30.54
CA PRO A 114 -11.56 16.11 -30.40
C PRO A 114 -10.64 15.49 -29.36
N TYR A 115 -11.20 14.75 -28.41
CA TYR A 115 -10.39 14.19 -27.33
C TYR A 115 -9.56 13.01 -27.84
N THR A 116 -8.37 12.86 -27.25
CA THR A 116 -7.39 11.85 -27.63
C THR A 116 -6.93 11.08 -26.41
N ILE A 117 -7.90 10.59 -25.63
CA ILE A 117 -7.68 9.92 -24.35
C ILE A 117 -6.52 8.93 -24.43
N ARG A 118 -5.62 8.98 -23.45
CA ARG A 118 -4.42 8.17 -23.44
C ARG A 118 -4.00 7.94 -22.00
N GLN A 119 -3.45 6.76 -21.72
CA GLN A 119 -3.00 6.40 -20.39
C GLN A 119 -1.48 6.27 -20.39
N MET A 120 -0.81 7.12 -19.61
CA MET A 120 0.63 7.10 -19.47
C MET A 120 1.00 7.14 -18.00
N GLY A 121 1.86 6.22 -17.57
CA GLY A 121 2.26 6.17 -16.18
C GLY A 121 1.06 5.93 -15.28
N ILE A 122 0.93 6.76 -14.25
CA ILE A 122 -0.20 6.67 -13.34
C ILE A 122 -1.14 7.84 -13.61
N TYR A 123 -1.13 8.32 -14.86
CA TYR A 123 -1.94 9.46 -15.25
C TYR A 123 -2.76 9.11 -16.48
N LEU A 124 -4.06 9.41 -16.43
CA LEU A 124 -4.95 9.23 -17.56
C LEU A 124 -5.01 10.55 -18.33
N VAL A 125 -4.06 10.72 -19.25
CA VAL A 125 -3.91 11.99 -19.94
C VAL A 125 -5.03 12.15 -20.97
N VAL A 126 -5.72 13.28 -20.93
CA VAL A 126 -6.72 13.64 -21.92
C VAL A 126 -6.27 14.94 -22.58
N ASP A 127 -6.10 14.90 -23.90
CA ASP A 127 -5.61 16.04 -24.66
C ASP A 127 -6.68 16.53 -25.63
N THR A 128 -6.70 17.85 -25.82
CA THR A 128 -7.64 18.50 -26.72
C THR A 128 -6.89 19.05 -27.94
N ASP A 129 -7.66 19.68 -28.84
CA ASP A 129 -7.11 20.30 -30.03
C ASP A 129 -7.00 21.81 -29.91
N ILE A 130 -7.20 22.36 -28.72
CA ILE A 130 -7.17 23.81 -28.53
C ILE A 130 -6.11 24.16 -27.50
N GLY A 131 -5.04 23.36 -27.43
CA GLY A 131 -3.96 23.65 -26.50
C GLY A 131 -4.28 23.40 -25.05
N LEU A 132 -5.26 22.56 -24.77
CA LEU A 132 -5.65 22.23 -23.40
C LEU A 132 -5.33 20.78 -23.12
N VAL A 133 -4.63 20.53 -22.00
CA VAL A 133 -4.20 19.19 -21.61
C VAL A 133 -4.60 18.95 -20.17
N LEU A 134 -5.08 17.74 -19.88
CA LEU A 134 -5.52 17.36 -18.55
C LEU A 134 -4.78 16.11 -18.11
N LEU A 135 -4.36 16.08 -16.85
CA LEU A 135 -3.72 14.93 -16.25
C LEU A 135 -4.58 14.44 -15.09
N TRP A 136 -4.83 13.14 -15.04
CA TRP A 136 -5.68 12.56 -14.02
C TRP A 136 -4.99 11.34 -13.42
N ASP A 137 -4.75 11.38 -12.11
CA ASP A 137 -4.16 10.25 -11.39
C ASP A 137 -5.18 9.17 -11.06
N LYS A 138 -6.42 9.33 -11.53
CA LYS A 138 -7.52 8.37 -11.46
C LYS A 138 -8.12 8.24 -10.06
N LYS A 139 -7.55 8.90 -9.04
CA LYS A 139 -8.14 8.84 -7.71
C LYS A 139 -8.65 10.22 -7.27
N THR A 140 -7.77 11.22 -7.13
CA THR A 140 -8.23 12.55 -6.75
C THR A 140 -7.55 13.70 -7.47
N SER A 141 -6.33 13.53 -7.95
CA SER A 141 -5.54 14.68 -8.38
C SER A 141 -5.84 15.02 -9.85
N ILE A 142 -5.56 16.27 -10.20
CA ILE A 142 -5.79 16.76 -11.55
C ILE A 142 -4.92 17.98 -11.81
N PHE A 143 -4.24 18.02 -12.95
CA PHE A 143 -3.38 19.13 -13.33
C PHE A 143 -3.80 19.66 -14.70
N ILE A 144 -3.81 20.98 -14.84
CA ILE A 144 -4.24 21.65 -16.07
C ILE A 144 -3.13 22.56 -16.55
N ASN A 145 -2.86 22.51 -17.86
CA ASN A 145 -1.94 23.42 -18.51
C ASN A 145 -2.66 24.09 -19.67
N LEU A 146 -2.44 25.38 -19.85
CA LEU A 146 -3.12 26.16 -20.87
C LEU A 146 -2.11 26.86 -21.77
N SER A 147 -2.48 26.99 -23.04
CA SER A 147 -1.60 27.61 -24.02
C SER A 147 -1.49 29.11 -23.76
N PRO A 148 -0.33 29.71 -24.04
CA PRO A 148 -0.15 31.14 -23.73
C PRO A 148 -1.08 32.08 -24.48
N GLU A 149 -1.55 31.73 -25.68
CA GLU A 149 -2.38 32.67 -26.44
C GLU A 149 -3.76 32.88 -25.84
N PHE A 150 -4.14 32.10 -24.83
CA PHE A 150 -5.40 32.31 -24.12
C PHE A 150 -5.24 33.24 -22.92
N LYS A 151 -4.12 33.94 -22.83
CA LYS A 151 -3.83 34.80 -21.69
C LYS A 151 -4.84 35.93 -21.62
N GLY A 152 -5.36 36.19 -20.41
CA GLY A 152 -6.26 37.30 -20.20
C GLY A 152 -7.66 37.10 -20.72
N ARG A 153 -8.03 35.88 -21.12
CA ARG A 153 -9.36 35.62 -21.66
C ARG A 153 -10.00 34.39 -21.03
N VAL A 154 -9.57 34.00 -19.82
CA VAL A 154 -10.05 32.80 -19.17
C VAL A 154 -10.60 33.17 -17.80
N CYS A 155 -11.79 32.68 -17.49
CA CYS A 155 -12.43 32.90 -16.20
C CYS A 155 -12.77 31.56 -15.57
N GLY A 156 -12.62 31.48 -14.25
CA GLY A 156 -12.93 30.25 -13.55
C GLY A 156 -12.23 30.21 -12.21
N LEU A 157 -12.35 29.06 -11.55
CA LEU A 157 -11.71 28.85 -10.26
C LEU A 157 -10.18 28.89 -10.37
N CYS A 158 -9.63 28.63 -11.55
CA CYS A 158 -8.18 28.69 -11.73
C CYS A 158 -7.67 30.12 -11.75
N GLY A 159 -8.55 31.11 -11.81
CA GLY A 159 -8.13 32.50 -11.86
C GLY A 159 -7.83 32.96 -13.27
N ASN A 160 -7.87 34.27 -13.46
CA ASN A 160 -7.62 34.85 -14.78
C ASN A 160 -6.15 34.68 -15.15
N PHE A 161 -5.90 34.16 -16.35
CA PHE A 161 -4.55 33.93 -16.83
C PHE A 161 -3.97 35.28 -17.25
N ASP A 162 -3.31 35.96 -16.30
CA ASP A 162 -2.74 37.27 -16.59
C ASP A 162 -1.36 37.47 -15.98
N ASP A 163 -0.72 36.42 -15.46
CA ASP A 163 0.62 36.48 -14.91
C ASP A 163 0.74 37.45 -13.74
N ILE A 164 -0.37 37.76 -13.08
CA ILE A 164 -0.38 38.65 -11.91
C ILE A 164 -1.08 37.92 -10.78
N ALA A 165 -0.41 37.81 -9.64
CA ALA A 165 -0.88 37.01 -8.52
C ALA A 165 -1.78 37.79 -7.56
N VAL A 166 -2.06 39.07 -7.84
CA VAL A 166 -2.88 39.86 -6.93
C VAL A 166 -4.32 40.00 -7.41
N ASN A 167 -4.59 39.75 -8.70
CA ASN A 167 -5.93 39.89 -9.25
C ASN A 167 -6.52 38.54 -9.66
N ASP A 168 -5.92 37.44 -9.21
CA ASP A 168 -6.42 36.12 -9.57
C ASP A 168 -7.72 35.77 -8.84
N PHE A 169 -8.13 36.58 -7.86
CA PHE A 169 -9.35 36.31 -7.10
C PHE A 169 -10.59 36.90 -7.75
N ALA A 170 -10.55 37.13 -9.06
CA ALA A 170 -11.71 37.65 -9.76
C ALA A 170 -12.83 36.62 -9.78
N THR A 171 -14.05 37.08 -9.53
CA THR A 171 -15.22 36.23 -9.48
C THR A 171 -15.97 36.26 -10.82
N ARG A 172 -17.17 35.68 -10.84
CA ARG A 172 -17.98 35.71 -12.05
C ARG A 172 -18.38 37.12 -12.42
N SER A 173 -18.52 38.01 -11.44
CA SER A 173 -18.84 39.41 -11.69
C SER A 173 -17.63 40.21 -12.15
N ARG A 174 -16.54 39.54 -12.50
CA ARG A 174 -15.31 40.20 -12.97
C ARG A 174 -14.79 41.19 -11.94
N SER A 175 -14.89 40.83 -10.66
CA SER A 175 -14.41 41.66 -9.56
C SER A 175 -13.51 40.81 -8.67
N VAL A 176 -12.32 41.32 -8.37
CA VAL A 176 -11.36 40.62 -7.53
C VAL A 176 -11.68 40.95 -6.07
N VAL A 177 -11.91 39.92 -5.27
CA VAL A 177 -12.24 40.06 -3.86
C VAL A 177 -11.24 39.24 -3.05
N GLY A 178 -10.67 39.85 -2.01
CA GLY A 178 -9.71 39.15 -1.18
C GLY A 178 -10.29 37.97 -0.44
N ASP A 179 -11.60 37.92 -0.25
CA ASP A 179 -12.22 36.79 0.41
C ASP A 179 -12.05 35.53 -0.43
N VAL A 180 -11.84 34.41 0.25
CA VAL A 180 -11.61 33.13 -0.41
C VAL A 180 -12.86 32.26 -0.40
N LEU A 181 -13.54 32.18 0.75
CA LEU A 181 -14.76 31.37 0.83
C LEU A 181 -15.84 31.89 -0.10
N GLU A 182 -16.04 33.21 -0.13
CA GLU A 182 -17.03 33.80 -1.02
C GLU A 182 -16.66 33.56 -2.48
N PHE A 183 -15.37 33.72 -2.81
CA PHE A 183 -14.92 33.50 -4.18
C PHE A 183 -15.15 32.05 -4.60
N GLY A 184 -14.86 31.11 -3.71
CA GLY A 184 -15.09 29.70 -4.02
C GLY A 184 -16.56 29.38 -4.19
N ASN A 185 -17.41 29.94 -3.31
CA ASN A 185 -18.84 29.66 -3.41
C ASN A 185 -19.49 30.35 -4.60
N SER A 186 -18.89 31.42 -5.12
CA SER A 186 -19.47 32.13 -6.25
C SER A 186 -19.38 31.35 -7.55
N TRP A 187 -18.55 30.31 -7.63
CA TRP A 187 -18.37 29.54 -8.85
C TRP A 187 -19.18 28.25 -8.87
N LYS A 188 -20.14 28.11 -7.96
CA LYS A 188 -20.94 26.90 -7.91
C LYS A 188 -21.89 26.83 -9.12
N LEU A 189 -22.30 25.61 -9.45
CA LEU A 189 -23.22 25.37 -10.56
C LEU A 189 -24.65 25.13 -10.09
N SER A 190 -24.85 24.21 -9.16
CA SER A 190 -26.19 23.94 -8.65
C SER A 190 -26.65 25.08 -7.75
N PRO A 191 -27.77 25.73 -8.05
CA PRO A 191 -28.25 26.82 -7.19
C PRO A 191 -28.92 26.36 -5.91
N SER A 192 -28.92 25.05 -5.63
CA SER A 192 -29.57 24.52 -4.44
C SER A 192 -28.59 24.06 -3.37
N CYS A 193 -27.34 23.80 -3.71
CA CYS A 193 -26.38 23.37 -2.71
C CYS A 193 -26.07 24.51 -1.74
N PRO A 194 -25.89 24.22 -0.46
CA PRO A 194 -25.66 25.29 0.52
C PRO A 194 -24.27 25.88 0.38
N ASP A 195 -24.09 27.03 1.04
CA ASP A 195 -22.81 27.72 1.02
C ASP A 195 -21.75 26.90 1.75
N ALA A 196 -20.52 26.99 1.26
CA ALA A 196 -19.41 26.29 1.87
C ALA A 196 -19.01 26.95 3.18
N LEU A 197 -18.38 26.17 4.05
CA LEU A 197 -17.96 26.62 5.36
C LEU A 197 -16.45 26.49 5.51
N ALA A 198 -15.91 27.17 6.52
CA ALA A 198 -14.48 27.11 6.78
C ALA A 198 -14.10 25.74 7.32
N PRO A 199 -12.97 25.18 6.88
CA PRO A 199 -12.55 23.87 7.38
C PRO A 199 -12.03 23.95 8.80
N LYS A 200 -11.91 22.78 9.42
CA LYS A 200 -11.38 22.65 10.77
C LYS A 200 -9.92 22.20 10.70
N ASP A 201 -9.34 21.90 11.86
CA ASP A 201 -7.96 21.44 11.91
C ASP A 201 -7.94 19.92 11.96
N PRO A 202 -7.49 19.25 10.90
CA PRO A 202 -7.49 17.77 10.92
C PRO A 202 -6.63 17.18 12.02
N CYS A 203 -5.49 17.79 12.34
CA CYS A 203 -4.61 17.21 13.35
C CYS A 203 -5.17 17.42 14.75
N THR A 204 -5.82 18.55 14.99
CA THR A 204 -6.53 18.72 16.26
C THR A 204 -7.69 17.74 16.35
N ALA A 205 -8.37 17.48 15.23
CA ALA A 205 -9.47 16.53 15.24
C ALA A 205 -8.99 15.11 15.53
N ASN A 206 -7.82 14.74 15.01
CA ASN A 206 -7.27 13.39 15.16
C ASN A 206 -5.86 13.49 15.71
N PRO A 207 -5.72 13.85 16.99
CA PRO A 207 -4.37 13.98 17.57
C PRO A 207 -3.60 12.66 17.60
N PHE A 208 -4.28 11.53 17.76
CA PHE A 208 -3.57 10.26 17.86
C PHE A 208 -2.89 9.88 16.55
N ARG A 209 -3.31 10.49 15.45
CA ARG A 209 -2.68 10.24 14.15
C ARG A 209 -1.47 11.13 13.91
N LYS A 210 -1.20 12.09 14.78
CA LYS A 210 -0.18 13.10 14.53
C LYS A 210 1.21 12.48 14.42
N SER A 211 1.53 11.55 15.31
CA SER A 211 2.86 10.96 15.32
C SER A 211 3.14 10.23 14.02
N TRP A 212 2.22 9.33 13.62
CA TRP A 212 2.40 8.60 12.38
C TRP A 212 2.40 9.55 11.18
N ALA A 213 1.53 10.54 11.19
CA ALA A 213 1.46 11.49 10.09
C ALA A 213 2.78 12.23 9.91
N GLN A 214 3.33 12.76 11.01
CA GLN A 214 4.59 13.48 10.92
C GLN A 214 5.72 12.55 10.53
N LYS A 215 5.75 11.33 11.07
CA LYS A 215 6.80 10.39 10.72
C LYS A 215 6.78 10.08 9.22
N GLN A 216 5.58 9.90 8.66
CA GLN A 216 5.48 9.57 7.24
C GLN A 216 5.78 10.77 6.35
N CYS A 217 5.29 11.96 6.71
CA CYS A 217 5.51 13.13 5.88
C CYS A 217 6.87 13.76 6.09
N SER A 218 7.66 13.28 7.04
CA SER A 218 9.00 13.82 7.26
C SER A 218 9.94 13.55 6.09
N ILE A 219 9.57 12.65 5.17
CA ILE A 219 10.42 12.38 4.01
C ILE A 219 10.56 13.62 3.13
N LEU A 220 9.64 14.57 3.24
CA LEU A 220 9.75 15.82 2.48
C LEU A 220 10.98 16.61 2.93
N HIS A 221 11.23 16.66 4.24
CA HIS A 221 12.36 17.39 4.78
C HIS A 221 13.64 16.57 4.82
N GLY A 222 13.60 15.32 4.36
CA GLY A 222 14.76 14.47 4.40
C GLY A 222 15.74 14.76 3.29
N PRO A 223 16.80 13.96 3.24
CA PRO A 223 17.84 14.17 2.22
C PRO A 223 17.36 13.91 0.80
N THR A 224 16.22 13.24 0.62
CA THR A 224 15.75 12.91 -0.73
C THR A 224 15.45 14.18 -1.52
N PHE A 225 14.83 15.17 -0.89
CA PHE A 225 14.47 16.41 -1.56
C PHE A 225 15.45 17.54 -1.28
N ALA A 226 16.71 17.20 -0.99
CA ALA A 226 17.72 18.21 -0.72
C ALA A 226 17.96 19.08 -1.95
N ALA A 227 18.02 18.46 -3.13
CA ALA A 227 18.23 19.23 -4.35
C ALA A 227 17.05 20.16 -4.62
N CYS A 228 15.83 19.67 -4.41
CA CYS A 228 14.65 20.51 -4.62
C CYS A 228 14.54 21.62 -3.59
N HIS A 229 15.13 21.44 -2.41
CA HIS A 229 15.05 22.47 -1.37
C HIS A 229 15.61 23.80 -1.84
N ALA A 230 16.60 23.77 -2.74
CA ALA A 230 17.20 25.03 -3.19
C ALA A 230 16.29 25.80 -4.14
N HIS A 231 15.42 25.10 -4.86
CA HIS A 231 14.57 25.75 -5.86
C HIS A 231 13.21 26.15 -5.30
N VAL A 232 12.46 25.19 -4.78
CA VAL A 232 11.12 25.44 -4.26
C VAL A 232 11.13 25.24 -2.76
N GLU A 233 10.19 25.92 -2.09
CA GLU A 233 10.07 25.83 -0.65
C GLU A 233 9.00 24.82 -0.30
N PRO A 234 9.34 23.70 0.34
CA PRO A 234 8.36 22.65 0.62
C PRO A 234 7.58 22.83 1.92
N ALA A 235 7.64 24.00 2.56
CA ALA A 235 6.90 24.19 3.80
C ALA A 235 5.40 24.05 3.58
N ARG A 236 4.89 24.68 2.51
CA ARG A 236 3.47 24.57 2.20
C ARG A 236 3.08 23.13 1.91
N TYR A 237 3.90 22.44 1.12
CA TYR A 237 3.62 21.04 0.81
C TYR A 237 3.76 20.15 2.04
N TYR A 238 4.69 20.46 2.94
CA TYR A 238 4.81 19.72 4.19
C TYR A 238 3.54 19.88 5.02
N GLU A 239 3.05 21.11 5.13
CA GLU A 239 1.80 21.33 5.86
C GLU A 239 0.64 20.60 5.20
N ALA A 240 0.61 20.60 3.86
CA ALA A 240 -0.45 19.89 3.15
C ALA A 240 -0.40 18.39 3.43
N CYS A 241 0.80 17.81 3.42
CA CYS A 241 0.94 16.39 3.73
C CYS A 241 0.47 16.08 5.14
N VAL A 242 0.87 16.91 6.11
CA VAL A 242 0.48 16.68 7.50
C VAL A 242 -1.03 16.75 7.65
N ASN A 243 -1.64 17.79 7.07
CA ASN A 243 -3.09 17.94 7.17
C ASN A 243 -3.83 16.80 6.48
N ASP A 244 -3.35 16.39 5.30
CA ASP A 244 -3.99 15.30 4.57
C ASP A 244 -3.93 14.00 5.36
N ALA A 245 -2.76 13.69 5.93
CA ALA A 245 -2.63 12.47 6.71
C ALA A 245 -3.50 12.53 7.96
N CYS A 246 -3.57 13.69 8.60
CA CYS A 246 -4.41 13.84 9.78
C CYS A 246 -5.88 13.64 9.45
N ALA A 247 -6.33 14.21 8.33
CA ALA A 247 -7.75 14.20 8.00
C ALA A 247 -8.22 12.81 7.60
N CYS A 248 -7.43 12.10 6.79
CA CYS A 248 -7.84 10.81 6.25
C CYS A 248 -8.07 9.81 7.38
N ASP A 249 -9.34 9.44 7.62
CA ASP A 249 -9.71 8.59 8.73
C ASP A 249 -10.21 7.22 8.28
N SER A 250 -11.07 7.19 7.26
CA SER A 250 -11.55 5.91 6.75
C SER A 250 -10.42 5.17 6.02
N GLY A 251 -10.67 3.91 5.71
CA GLY A 251 -9.68 3.08 5.08
C GLY A 251 -9.17 3.64 3.76
N GLY A 252 -7.85 3.64 3.59
CA GLY A 252 -7.25 4.16 2.38
C GLY A 252 -6.29 5.31 2.65
N ASP A 253 -5.73 5.37 3.86
CA ASP A 253 -4.79 6.43 4.19
C ASP A 253 -3.53 6.36 3.32
N CYS A 254 -3.22 5.17 2.81
CA CYS A 254 -2.08 5.03 1.91
C CYS A 254 -2.25 5.92 0.68
N GLU A 255 -3.45 5.93 0.11
CA GLU A 255 -3.72 6.84 -0.99
C GLU A 255 -3.65 8.30 -0.54
N CYS A 256 -4.22 8.59 0.64
CA CYS A 256 -4.21 9.95 1.17
C CYS A 256 -2.81 10.49 1.39
N PHE A 257 -1.82 9.62 1.55
CA PHE A 257 -0.43 10.04 1.69
C PHE A 257 0.32 10.02 0.37
N CYS A 258 0.08 9.02 -0.47
CA CYS A 258 0.75 8.94 -1.75
C CYS A 258 0.38 10.11 -2.65
N THR A 259 -0.89 10.51 -2.65
CA THR A 259 -1.29 11.67 -3.45
C THR A 259 -0.59 12.93 -2.97
N ALA A 260 -0.51 13.12 -1.65
CA ALA A 260 0.13 14.30 -1.11
C ALA A 260 1.61 14.36 -1.49
N VAL A 261 2.30 13.22 -1.43
CA VAL A 261 3.71 13.21 -1.82
C VAL A 261 3.86 13.43 -3.33
N ALA A 262 3.01 12.77 -4.12
CA ALA A 262 3.14 12.87 -5.57
C ALA A 262 2.84 14.28 -6.06
N ALA A 263 2.01 15.04 -5.35
CA ALA A 263 1.78 16.42 -5.74
C ALA A 263 3.07 17.23 -5.74
N TYR A 264 3.82 17.16 -4.63
CA TYR A 264 5.10 17.85 -4.57
C TYR A 264 6.11 17.25 -5.54
N ALA A 265 6.04 15.93 -5.77
CA ALA A 265 6.94 15.32 -6.74
C ALA A 265 6.72 15.90 -8.14
N GLN A 266 5.45 16.02 -8.54
CA GLN A 266 5.14 16.59 -9.85
C GLN A 266 5.52 18.07 -9.89
N ALA A 267 5.28 18.80 -8.80
CA ALA A 267 5.66 20.21 -8.77
C ALA A 267 7.16 20.39 -8.96
N CYS A 268 7.96 19.53 -8.31
CA CYS A 268 9.40 19.58 -8.51
C CYS A 268 9.78 19.18 -9.93
N HIS A 269 9.14 18.15 -10.47
CA HIS A 269 9.45 17.71 -11.83
C HIS A 269 9.09 18.77 -12.87
N GLU A 270 8.16 19.66 -12.55
CA GLU A 270 7.81 20.72 -13.49
C GLU A 270 8.98 21.66 -13.75
N VAL A 271 9.85 21.86 -12.75
CA VAL A 271 11.00 22.72 -12.94
C VAL A 271 11.99 22.09 -13.91
N GLY A 272 12.15 20.77 -13.85
CA GLY A 272 13.05 20.09 -14.75
C GLY A 272 14.11 19.25 -14.05
N LEU A 273 13.82 18.82 -12.82
CA LEU A 273 14.72 17.99 -12.06
C LEU A 273 14.03 16.69 -11.68
N CYS A 274 14.74 15.58 -11.82
CA CYS A 274 14.20 14.25 -11.56
C CYS A 274 14.54 13.82 -10.15
N VAL A 275 13.53 13.34 -9.41
CA VAL A 275 13.69 12.91 -8.03
C VAL A 275 13.10 11.52 -7.90
N SER A 276 13.87 10.59 -7.32
CA SER A 276 13.42 9.23 -7.07
C SER A 276 13.13 9.09 -5.58
N TRP A 277 11.90 8.67 -5.25
CA TRP A 277 11.50 8.58 -3.85
C TRP A 277 10.74 7.31 -3.49
N ARG A 278 10.26 6.53 -4.46
CA ARG A 278 9.45 5.36 -4.14
C ARG A 278 10.33 4.24 -3.60
N THR A 279 9.89 3.63 -2.50
CA THR A 279 10.58 2.52 -1.86
C THR A 279 9.56 1.43 -1.54
N PRO A 280 9.98 0.17 -1.50
CA PRO A 280 9.02 -0.91 -1.21
C PRO A 280 8.34 -0.79 0.14
N SER A 281 8.77 0.12 1.00
CA SER A 281 8.12 0.33 2.29
C SER A 281 7.18 1.53 2.31
N ILE A 282 7.37 2.50 1.42
CA ILE A 282 6.58 3.72 1.39
C ILE A 282 6.07 3.94 -0.02
N CYS A 283 4.74 3.99 -0.16
CA CYS A 283 4.06 4.21 -1.44
C CYS A 283 4.59 3.26 -2.51
N PRO A 284 4.41 1.95 -2.35
CA PRO A 284 4.98 1.00 -3.30
C PRO A 284 4.16 0.92 -4.58
N LEU A 285 4.79 0.36 -5.61
CA LEU A 285 4.16 0.15 -6.91
C LEU A 285 4.31 -1.30 -7.32
N PHE A 286 3.35 -1.78 -8.10
CA PHE A 286 3.36 -3.15 -8.61
C PHE A 286 3.36 -3.08 -10.13
N CYS A 287 4.55 -2.98 -10.72
CA CYS A 287 4.69 -2.91 -12.16
C CYS A 287 4.94 -4.27 -12.80
N ASP A 288 4.94 -5.35 -12.02
CA ASP A 288 5.14 -6.68 -12.57
C ASP A 288 3.84 -7.41 -12.87
N TYR A 289 2.71 -6.91 -12.39
CA TYR A 289 1.45 -7.63 -12.58
C TYR A 289 1.08 -7.75 -14.05
N TYR A 290 1.25 -6.66 -14.82
CA TYR A 290 0.87 -6.69 -16.22
C TYR A 290 1.76 -7.60 -17.05
N ASN A 291 2.90 -8.00 -16.52
CA ASN A 291 3.81 -8.85 -17.29
C ASN A 291 3.22 -10.24 -17.46
N PRO A 292 3.11 -10.74 -18.69
CA PRO A 292 2.69 -12.13 -18.87
C PRO A 292 3.77 -13.11 -18.42
N GLU A 293 3.47 -14.40 -18.46
CA GLU A 293 4.41 -15.39 -17.94
C GLU A 293 5.62 -15.50 -18.84
N GLY A 294 6.81 -15.45 -18.23
CA GLY A 294 8.06 -15.64 -18.94
C GLY A 294 8.67 -14.41 -19.55
N GLN A 295 7.96 -13.29 -19.56
CA GLN A 295 8.45 -12.06 -20.18
C GLN A 295 8.47 -10.94 -19.15
N CYS A 296 9.57 -10.18 -19.13
CA CYS A 296 9.71 -9.03 -18.24
C CYS A 296 10.03 -7.82 -19.10
N GLU A 297 9.09 -6.88 -19.16
CA GLU A 297 9.25 -5.70 -20.02
C GLU A 297 8.71 -4.43 -19.40
N TRP A 298 8.36 -4.44 -18.11
CA TRP A 298 7.80 -3.28 -17.44
C TRP A 298 8.74 -2.83 -16.33
N HIS A 299 9.04 -1.54 -16.29
CA HIS A 299 9.94 -0.99 -15.29
C HIS A 299 9.34 0.30 -14.75
N TYR A 300 9.96 0.81 -13.69
CA TYR A 300 9.54 2.06 -13.06
C TYR A 300 10.52 3.16 -13.42
N GLN A 301 10.02 4.23 -14.03
CA GLN A 301 10.85 5.36 -14.46
C GLN A 301 10.45 6.61 -13.70
N PRO A 302 11.21 7.02 -12.69
CA PRO A 302 10.82 8.22 -11.92
C PRO A 302 10.74 9.48 -12.77
N CYS A 303 11.65 9.64 -13.74
CA CYS A 303 11.64 10.86 -14.55
C CYS A 303 10.52 10.83 -15.58
N GLY A 304 10.12 9.65 -16.03
CA GLY A 304 9.13 9.54 -17.08
C GLY A 304 9.77 9.50 -18.45
N VAL A 305 9.28 8.63 -19.32
CA VAL A 305 9.87 8.49 -20.66
C VAL A 305 9.60 9.76 -21.45
N PRO A 306 10.64 10.40 -22.00
CA PRO A 306 10.38 11.61 -22.81
C PRO A 306 9.59 11.32 -24.08
N CYS A 307 9.95 10.27 -24.81
CA CYS A 307 9.21 9.89 -26.01
C CYS A 307 9.38 8.39 -26.23
N LEU A 308 8.32 7.76 -26.71
CA LEU A 308 8.28 6.33 -26.94
C LEU A 308 7.81 6.05 -28.37
N ARG A 309 7.57 4.78 -28.66
CA ARG A 309 7.15 4.34 -29.99
C ARG A 309 5.89 3.50 -29.87
N THR A 310 4.86 3.87 -30.61
CA THR A 310 3.58 3.16 -30.60
C THR A 310 3.00 3.18 -32.00
N CYS A 311 1.79 2.63 -32.16
CA CYS A 311 1.15 2.62 -33.46
C CYS A 311 0.83 4.03 -33.95
N ARG A 312 0.31 4.88 -33.05
CA ARG A 312 -0.02 6.25 -33.44
C ARG A 312 1.24 7.07 -33.69
N ASN A 313 2.22 6.97 -32.79
CA ASN A 313 3.46 7.72 -32.92
C ASN A 313 4.55 6.81 -33.44
N PRO A 314 5.00 6.96 -34.69
CA PRO A 314 6.00 6.04 -35.24
C PRO A 314 7.33 6.11 -34.51
N ARG A 315 8.28 5.26 -34.93
CA ARG A 315 9.58 5.21 -34.27
C ARG A 315 10.31 6.53 -34.39
N GLY A 316 10.29 7.13 -35.58
CA GLY A 316 10.95 8.41 -35.77
C GLY A 316 10.30 9.53 -34.98
N ASP A 317 8.97 9.58 -34.98
CA ASP A 317 8.25 10.62 -34.26
C ASP A 317 8.30 10.37 -32.77
N CYS A 318 8.46 11.44 -31.99
CA CYS A 318 8.45 11.36 -30.54
C CYS A 318 7.32 12.15 -29.91
N LEU A 319 7.15 13.42 -30.30
CA LEU A 319 6.13 14.30 -29.75
C LEU A 319 6.26 14.40 -28.23
N ARG A 320 7.42 14.92 -27.80
CA ARG A 320 7.74 15.04 -26.37
C ARG A 320 7.05 16.28 -25.82
N ASP A 321 5.73 16.16 -25.63
CA ASP A 321 4.91 17.24 -25.10
C ASP A 321 4.62 17.06 -23.62
N VAL A 322 5.27 16.10 -22.96
CA VAL A 322 5.03 15.85 -21.55
C VAL A 322 5.89 16.78 -20.71
N TRP A 323 5.53 16.92 -19.45
CA TRP A 323 6.26 17.76 -18.50
C TRP A 323 7.03 16.94 -17.46
N GLY A 324 7.09 15.62 -17.64
CA GLY A 324 7.76 14.77 -16.68
C GLY A 324 6.78 14.07 -15.76
N LEU A 325 6.55 12.78 -15.99
CA LEU A 325 5.62 11.99 -15.20
C LEU A 325 6.36 10.82 -14.56
N GLU A 326 5.60 9.93 -13.93
CA GLU A 326 6.17 8.74 -13.32
C GLU A 326 5.13 7.63 -13.34
N GLY A 327 5.61 6.40 -13.24
CA GLY A 327 4.74 5.24 -13.26
C GLY A 327 5.32 4.07 -14.03
N CYS A 328 4.59 2.96 -14.06
CA CYS A 328 5.07 1.79 -14.78
C CYS A 328 5.01 2.04 -16.28
N TYR A 329 6.11 1.75 -16.98
CA TYR A 329 6.17 1.93 -18.41
C TYR A 329 6.73 0.66 -19.06
N PRO A 330 6.28 0.32 -20.26
CA PRO A 330 6.74 -0.91 -20.90
C PRO A 330 8.06 -0.68 -21.62
N LYS A 331 9.05 -1.51 -21.29
CA LYS A 331 10.34 -1.48 -21.96
C LYS A 331 10.33 -2.58 -23.01
N CYS A 332 10.03 -2.20 -24.25
CA CYS A 332 9.91 -3.19 -25.32
C CYS A 332 11.25 -3.86 -25.57
N PRO A 333 11.26 -5.15 -25.89
CA PRO A 333 12.51 -5.83 -26.22
C PRO A 333 13.04 -5.35 -27.56
N PRO A 334 14.31 -5.66 -27.88
CA PRO A 334 14.81 -5.30 -29.23
C PRO A 334 13.97 -5.90 -30.34
N GLU A 335 13.45 -7.11 -30.15
CA GLU A 335 12.46 -7.66 -31.06
C GLU A 335 11.11 -7.01 -30.80
N ALA A 336 10.48 -6.51 -31.87
CA ALA A 336 9.24 -5.76 -31.78
C ALA A 336 9.40 -4.60 -30.80
N PRO A 337 10.21 -3.59 -31.12
CA PRO A 337 10.47 -2.52 -30.16
C PRO A 337 9.44 -1.41 -30.22
N ILE A 338 8.30 -1.68 -30.86
CA ILE A 338 7.22 -0.71 -31.02
C ILE A 338 6.07 -1.15 -30.16
N PHE A 339 5.60 -0.26 -29.28
CA PHE A 339 4.46 -0.58 -28.43
C PHE A 339 3.16 -0.49 -29.23
N ASP A 340 2.08 -0.94 -28.60
CA ASP A 340 0.76 -0.92 -29.20
C ASP A 340 -0.22 -0.03 -28.45
N GLU A 341 -0.19 -0.05 -27.12
CA GLU A 341 -1.04 0.73 -26.23
C GLU A 341 -2.50 0.29 -26.28
N ASP A 342 -2.86 -0.66 -27.13
CA ASP A 342 -4.20 -1.22 -27.16
C ASP A 342 -4.27 -2.58 -26.47
N LYS A 343 -3.29 -3.45 -26.71
CA LYS A 343 -3.19 -4.74 -26.05
C LYS A 343 -2.15 -4.75 -24.95
N MET A 344 -1.60 -3.58 -24.60
CA MET A 344 -0.57 -3.47 -23.57
C MET A 344 0.63 -4.38 -23.87
N GLN A 345 1.04 -4.41 -25.14
CA GLN A 345 2.12 -5.26 -25.57
C GLN A 345 2.86 -4.59 -26.72
N CYS A 346 4.07 -5.08 -26.99
CA CYS A 346 4.92 -4.55 -28.04
C CYS A 346 4.77 -5.39 -29.31
N VAL A 347 4.51 -4.72 -30.42
CA VAL A 347 4.30 -5.38 -31.71
C VAL A 347 5.27 -4.80 -32.72
N ALA A 348 5.82 -5.66 -33.57
CA ALA A 348 6.80 -5.22 -34.56
C ALA A 348 6.15 -4.30 -35.59
N THR A 349 4.97 -4.66 -36.08
CA THR A 349 4.28 -3.90 -37.12
C THR A 349 2.89 -3.56 -36.65
N CYS A 350 2.50 -2.29 -36.78
CA CYS A 350 1.18 -1.82 -36.39
C CYS A 350 0.28 -1.77 -37.61
N PRO A 351 -0.78 -2.58 -37.67
CA PRO A 351 -1.71 -2.60 -38.80
C PRO A 351 -2.47 -1.27 -38.96
N ALA B 23 0.05 -30.06 12.02
CA ALA B 23 0.13 -29.31 13.27
C ALA B 23 0.97 -28.05 13.08
N THR B 24 0.33 -26.89 13.24
CA THR B 24 1.00 -25.62 13.07
C THR B 24 0.44 -24.62 14.06
N CYS B 25 1.29 -24.08 14.92
CA CYS B 25 0.90 -23.02 15.85
C CYS B 25 0.98 -21.70 15.10
N ALA B 26 -0.17 -21.08 14.85
CA ALA B 26 -0.26 -19.85 14.07
C ALA B 26 -0.66 -18.70 14.97
N VAL B 27 0.18 -17.67 15.03
CA VAL B 27 -0.11 -16.44 15.74
C VAL B 27 0.04 -15.28 14.76
N TYR B 28 -1.01 -14.47 14.64
CA TYR B 28 -0.98 -13.38 13.67
C TYR B 28 -1.97 -12.31 14.12
N GLY B 29 -1.83 -11.12 13.51
CA GLY B 29 -2.80 -10.06 13.72
C GLY B 29 -2.91 -9.67 15.18
N ASP B 30 -4.14 -9.57 15.65
CA ASP B 30 -4.43 -9.20 17.03
C ASP B 30 -5.06 -10.40 17.74
N GLY B 31 -4.23 -11.17 18.44
CA GLY B 31 -4.75 -12.24 19.28
C GLY B 31 -5.46 -13.33 18.52
N HIS B 32 -4.87 -13.81 17.44
CA HIS B 32 -5.42 -14.92 16.67
C HIS B 32 -4.47 -16.10 16.80
N TYR B 33 -4.82 -17.04 17.69
CA TYR B 33 -3.99 -18.19 17.99
C TYR B 33 -4.67 -19.46 17.51
N LEU B 34 -3.88 -20.33 16.87
CA LEU B 34 -4.36 -21.63 16.42
C LEU B 34 -3.38 -22.69 16.92
N THR B 35 -3.87 -23.58 17.78
CA THR B 35 -3.00 -24.55 18.43
C THR B 35 -2.56 -25.63 17.43
N PHE B 36 -1.67 -26.51 17.91
CA PHE B 36 -1.17 -27.59 17.07
C PHE B 36 -2.28 -28.54 16.66
N ASP B 37 -3.16 -28.89 17.60
CA ASP B 37 -4.21 -29.87 17.34
C ASP B 37 -5.38 -29.29 16.55
N GLY B 38 -5.43 -27.98 16.35
CA GLY B 38 -6.47 -27.38 15.55
C GLY B 38 -7.53 -26.66 16.36
N GLN B 39 -7.12 -26.03 17.46
CA GLN B 39 -8.02 -25.26 18.30
C GLN B 39 -7.78 -23.77 18.06
N SER B 40 -8.86 -23.03 17.85
CA SER B 40 -8.79 -21.60 17.57
C SER B 40 -9.49 -20.83 18.68
N TYR B 41 -8.90 -19.71 19.07
CA TYR B 41 -9.45 -18.85 20.10
C TYR B 41 -8.83 -17.47 19.96
N SER B 42 -9.15 -16.57 20.90
CA SER B 42 -8.61 -15.22 20.91
C SER B 42 -8.16 -14.86 22.31
N PHE B 43 -7.12 -14.02 22.37
CA PHE B 43 -6.55 -13.62 23.66
C PHE B 43 -5.69 -12.38 23.44
N ASN B 44 -5.87 -11.38 24.30
CA ASN B 44 -5.11 -10.14 24.21
C ASN B 44 -4.57 -9.78 25.58
N GLY B 45 -3.40 -9.13 25.58
CA GLY B 45 -2.77 -8.71 26.82
C GLY B 45 -1.51 -7.93 26.51
N ASP B 46 -0.91 -7.37 27.57
CA ASP B 46 0.29 -6.55 27.47
C ASP B 46 1.30 -7.08 28.50
N CYS B 47 2.09 -8.07 28.09
CA CYS B 47 3.12 -8.67 28.93
C CYS B 47 3.98 -9.56 28.03
N GLU B 48 4.82 -10.37 28.65
CA GLU B 48 5.65 -11.33 27.95
C GLU B 48 5.08 -12.73 28.15
N TYR B 49 4.90 -13.46 27.05
CA TYR B 49 4.27 -14.77 27.07
C TYR B 49 5.17 -15.81 26.42
N THR B 50 5.24 -16.99 27.03
CA THR B 50 6.01 -18.10 26.48
C THR B 50 5.14 -18.88 25.51
N LEU B 51 5.63 -19.04 24.28
CA LEU B 51 4.87 -19.76 23.26
C LEU B 51 5.04 -21.26 23.41
N VAL B 52 6.27 -21.74 23.30
CA VAL B 52 6.59 -23.17 23.42
C VAL B 52 7.70 -23.33 24.45
N GLN B 53 7.46 -24.19 25.43
CA GLN B 53 8.44 -24.45 26.49
C GLN B 53 8.74 -25.94 26.54
N ASN B 54 10.01 -26.25 26.70
CA ASN B 54 10.48 -27.64 26.79
C ASN B 54 10.78 -28.00 28.24
N HIS B 55 10.66 -29.29 28.54
CA HIS B 55 10.91 -29.81 29.89
C HIS B 55 10.07 -29.08 30.92
N CYS B 56 8.80 -28.87 30.60
CA CYS B 56 7.88 -28.22 31.52
C CYS B 56 7.74 -29.04 32.79
N GLY B 57 7.84 -28.36 33.93
CA GLY B 57 7.84 -29.05 35.20
C GLY B 57 9.17 -29.69 35.58
N GLY B 58 10.25 -29.28 34.93
CA GLY B 58 11.55 -29.84 35.23
C GLY B 58 11.79 -31.23 34.68
N LYS B 59 11.04 -31.64 33.66
CA LYS B 59 11.17 -32.98 33.09
C LYS B 59 12.32 -32.97 32.09
N ASP B 60 13.54 -33.07 32.63
CA ASP B 60 14.74 -33.07 31.81
C ASP B 60 14.92 -34.41 31.11
N SER B 61 14.27 -34.58 29.96
CA SER B 61 14.35 -35.83 29.20
C SER B 61 15.56 -35.81 28.26
N THR B 62 16.74 -35.72 28.88
CA THR B 62 18.04 -35.69 28.21
C THR B 62 18.01 -34.91 26.90
N GLN B 63 17.41 -33.72 26.96
CA GLN B 63 17.29 -32.85 25.79
C GLN B 63 17.49 -31.41 26.23
N ASP B 64 18.05 -30.61 25.32
CA ASP B 64 18.27 -29.20 25.61
C ASP B 64 16.94 -28.46 25.69
N SER B 65 16.85 -27.55 26.65
CA SER B 65 15.62 -26.78 26.86
C SER B 65 15.60 -25.58 25.93
N PHE B 66 14.54 -25.45 25.15
CA PHE B 66 14.37 -24.33 24.23
C PHE B 66 13.09 -23.59 24.58
N ARG B 67 13.16 -22.26 24.57
CA ARG B 67 12.03 -21.42 24.95
C ARG B 67 11.91 -20.25 23.98
N VAL B 68 10.68 -19.98 23.55
CA VAL B 68 10.38 -18.86 22.67
C VAL B 68 9.38 -17.96 23.38
N VAL B 69 9.68 -16.67 23.44
CA VAL B 69 8.84 -15.69 24.12
C VAL B 69 8.49 -14.57 23.16
N THR B 70 7.42 -13.85 23.49
CA THR B 70 6.94 -12.76 22.66
C THR B 70 6.55 -11.58 23.55
N GLU B 71 6.63 -10.38 22.98
CA GLU B 71 6.27 -9.15 23.65
C GLU B 71 5.08 -8.51 22.95
N ASN B 72 4.11 -8.07 23.73
CA ASN B 72 2.89 -7.46 23.20
C ASN B 72 2.82 -6.01 23.64
N VAL B 73 2.55 -5.12 22.69
CA VAL B 73 2.39 -3.69 22.96
C VAL B 73 1.09 -3.21 22.34
N PRO B 74 0.43 -2.20 22.90
CA PRO B 74 -0.81 -1.71 22.30
C PRO B 74 -0.56 -1.02 20.97
N CYS B 75 -1.37 -1.38 19.98
CA CYS B 75 -1.31 -0.78 18.63
C CYS B 75 -2.73 -0.40 18.22
N GLY B 76 -3.12 0.82 18.58
CA GLY B 76 -4.46 1.31 18.26
C GLY B 76 -4.98 2.18 19.39
N THR B 77 -6.31 2.26 19.48
CA THR B 77 -6.96 3.01 20.53
C THR B 77 -8.01 2.22 21.30
N THR B 78 -8.49 1.10 20.78
CA THR B 78 -9.49 0.29 21.45
C THR B 78 -8.88 -0.79 22.34
N GLY B 79 -7.56 -0.84 22.47
CA GLY B 79 -6.91 -1.80 23.33
C GLY B 79 -6.45 -3.08 22.65
N THR B 80 -6.43 -3.13 21.33
CA THR B 80 -5.96 -4.32 20.64
C THR B 80 -4.46 -4.48 20.83
N THR B 81 -3.99 -5.71 20.61
CA THR B 81 -2.60 -6.07 20.80
C THR B 81 -2.00 -6.56 19.50
N CYS B 82 -0.68 -6.64 19.47
CA CYS B 82 0.05 -7.16 18.33
C CYS B 82 1.48 -7.46 18.77
N SER B 83 2.10 -8.40 18.08
CA SER B 83 3.46 -8.80 18.41
C SER B 83 4.45 -7.80 17.84
N LYS B 84 5.26 -7.22 18.71
CA LYS B 84 6.28 -6.25 18.30
C LYS B 84 7.67 -6.87 18.25
N ALA B 85 8.09 -7.54 19.32
CA ALA B 85 9.40 -8.17 19.40
C ALA B 85 9.25 -9.61 19.84
N ILE B 86 10.09 -10.48 19.29
CA ILE B 86 10.10 -11.91 19.63
C ILE B 86 11.52 -12.29 20.01
N LYS B 87 11.67 -12.91 21.17
CA LYS B 87 12.96 -13.38 21.66
C LYS B 87 12.96 -14.90 21.72
N ILE B 88 14.09 -15.49 21.37
CA ILE B 88 14.26 -16.94 21.37
C ILE B 88 15.40 -17.30 22.31
N PHE B 89 15.16 -18.27 23.18
CA PHE B 89 16.16 -18.75 24.13
C PHE B 89 16.47 -20.21 23.79
N LEU B 90 17.43 -20.41 22.90
CA LEU B 90 17.85 -21.73 22.48
C LEU B 90 19.15 -22.06 23.20
N GLY B 91 19.07 -22.91 24.21
CA GLY B 91 20.25 -23.24 25.00
C GLY B 91 20.80 -22.00 25.69
N GLY B 92 22.10 -21.78 25.54
CA GLY B 92 22.74 -20.60 26.09
C GLY B 92 22.65 -19.36 25.23
N PHE B 93 22.02 -19.46 24.07
CA PHE B 93 21.92 -18.33 23.15
C PHE B 93 20.66 -17.53 23.41
N GLU B 94 20.60 -16.34 22.84
CA GLU B 94 19.44 -15.46 22.97
C GLU B 94 19.38 -14.55 21.75
N LEU B 95 18.24 -14.57 21.05
CA LEU B 95 18.06 -13.82 19.83
C LEU B 95 16.98 -12.75 20.02
N LYS B 96 17.10 -11.68 19.25
CA LYS B 96 16.16 -10.58 19.27
C LYS B 96 15.63 -10.34 17.87
N LEU B 97 14.32 -10.09 17.76
CA LEU B 97 13.66 -9.87 16.47
C LEU B 97 12.83 -8.60 16.58
N SER B 98 13.31 -7.51 15.99
CA SER B 98 12.58 -6.26 16.00
C SER B 98 13.06 -5.40 14.83
N HIS B 99 12.16 -4.52 14.37
CA HIS B 99 12.47 -3.57 13.29
C HIS B 99 12.94 -4.28 12.03
N GLY B 100 12.41 -5.48 11.77
CA GLY B 100 12.79 -6.22 10.58
C GLY B 100 14.26 -6.60 10.52
N LYS B 101 14.84 -6.93 11.68
CA LYS B 101 16.23 -7.35 11.73
C LYS B 101 16.45 -8.23 12.95
N VAL B 102 17.55 -8.96 12.94
CA VAL B 102 17.90 -9.90 14.00
C VAL B 102 19.21 -9.46 14.63
N GLU B 103 19.23 -9.40 15.96
CA GLU B 103 20.42 -9.02 16.71
C GLU B 103 20.70 -10.05 17.79
N VAL B 104 21.92 -10.55 17.83
CA VAL B 104 22.32 -11.52 18.84
C VAL B 104 22.56 -10.80 20.16
N ILE B 105 21.92 -11.29 21.21
CA ILE B 105 21.99 -10.67 22.53
C ILE B 105 22.76 -11.54 23.52
N GLY B 106 22.41 -12.83 23.60
CA GLY B 106 23.05 -13.70 24.57
C GLY B 106 24.53 -13.88 24.31
N THR B 107 24.89 -14.14 23.04
CA THR B 107 26.27 -14.33 22.62
C THR B 107 26.96 -15.41 23.47
N ASP B 108 26.44 -16.62 23.35
CA ASP B 108 26.96 -17.75 24.11
C ASP B 108 28.42 -18.02 23.75
N GLU B 109 29.19 -18.43 24.75
CA GLU B 109 30.63 -18.61 24.60
C GLU B 109 30.97 -20.10 24.46
N SER B 110 31.90 -20.39 23.56
CA SER B 110 32.45 -21.75 23.37
C SER B 110 31.36 -22.74 22.96
N GLN B 111 30.34 -22.27 22.26
CA GLN B 111 29.28 -23.13 21.77
C GLN B 111 28.97 -22.78 20.32
N GLU B 112 28.59 -23.80 19.55
CA GLU B 112 28.27 -23.60 18.15
C GLU B 112 26.88 -23.02 18.00
N VAL B 113 26.75 -22.04 17.12
CA VAL B 113 25.47 -21.36 16.89
C VAL B 113 24.53 -22.33 16.16
N PRO B 114 23.36 -22.61 16.72
CA PRO B 114 22.46 -23.57 16.09
C PRO B 114 21.53 -22.95 15.06
N TYR B 115 21.27 -21.64 15.19
CA TYR B 115 20.32 -20.99 14.29
C TYR B 115 20.94 -20.80 12.91
N THR B 116 20.08 -20.86 11.89
CA THR B 116 20.46 -20.78 10.49
C THR B 116 19.61 -19.74 9.77
N ILE B 117 19.54 -18.54 10.37
CA ILE B 117 18.69 -17.45 9.91
C ILE B 117 18.75 -17.29 8.39
N ARG B 118 17.58 -17.14 7.77
CA ARG B 118 17.48 -17.08 6.32
C ARG B 118 16.23 -16.29 5.96
N GLN B 119 16.31 -15.53 4.87
CA GLN B 119 15.20 -14.71 4.40
C GLN B 119 14.69 -15.28 3.07
N MET B 120 13.43 -15.71 3.06
CA MET B 120 12.79 -16.25 1.86
C MET B 120 11.42 -15.60 1.71
N GLY B 121 11.16 -15.08 0.52
CA GLY B 121 9.89 -14.42 0.27
C GLY B 121 9.69 -13.23 1.20
N ILE B 122 8.54 -13.19 1.86
CA ILE B 122 8.24 -12.13 2.81
C ILE B 122 8.32 -12.73 4.21
N TYR B 123 9.14 -13.76 4.38
CA TYR B 123 9.27 -14.45 5.66
C TYR B 123 10.74 -14.54 6.04
N LEU B 124 11.04 -14.17 7.28
CA LEU B 124 12.39 -14.30 7.82
C LEU B 124 12.47 -15.64 8.54
N VAL B 125 12.80 -16.69 7.78
CA VAL B 125 12.78 -18.04 8.32
C VAL B 125 13.97 -18.25 9.24
N VAL B 126 13.71 -18.74 10.45
CA VAL B 126 14.75 -19.13 11.39
C VAL B 126 14.56 -20.61 11.70
N ASP B 127 15.60 -21.39 11.43
CA ASP B 127 15.55 -22.84 11.60
C ASP B 127 16.52 -23.28 12.68
N THR B 128 16.14 -24.30 13.43
CA THR B 128 16.95 -24.88 14.49
C THR B 128 17.43 -26.26 14.08
N ASP B 129 18.18 -26.89 14.99
CA ASP B 129 18.70 -28.24 14.78
C ASP B 129 17.93 -29.29 15.55
N ILE B 130 16.77 -28.93 16.13
CA ILE B 130 15.98 -29.86 16.92
C ILE B 130 14.59 -29.98 16.34
N GLY B 131 14.47 -29.83 15.01
CA GLY B 131 13.19 -29.96 14.36
C GLY B 131 12.21 -28.84 14.58
N LEU B 132 12.71 -27.66 14.96
CA LEU B 132 11.87 -26.49 15.21
C LEU B 132 12.14 -25.44 14.14
N VAL B 133 11.08 -24.94 13.52
CA VAL B 133 11.17 -23.96 12.45
C VAL B 133 10.23 -22.81 12.77
N LEU B 134 10.70 -21.59 12.51
CA LEU B 134 9.92 -20.38 12.76
C LEU B 134 9.82 -19.56 11.48
N LEU B 135 8.64 -19.01 11.23
CA LEU B 135 8.40 -18.13 10.09
C LEU B 135 7.98 -16.77 10.63
N TRP B 136 8.59 -15.71 10.11
CA TRP B 136 8.30 -14.35 10.57
C TRP B 136 8.09 -13.44 9.37
N ASP B 137 6.91 -12.84 9.30
CA ASP B 137 6.58 -11.88 8.24
C ASP B 137 7.15 -10.51 8.51
N LYS B 138 7.93 -10.35 9.58
CA LYS B 138 8.69 -9.17 9.95
C LYS B 138 7.81 -8.04 10.48
N LYS B 139 6.49 -8.16 10.47
CA LYS B 139 5.63 -7.13 11.04
C LYS B 139 4.87 -7.63 12.25
N THR B 140 4.00 -8.63 12.11
CA THR B 140 3.29 -9.17 13.27
C THR B 140 3.13 -10.68 13.28
N SER B 141 3.14 -11.36 12.14
CA SER B 141 2.72 -12.75 12.10
C SER B 141 3.88 -13.69 12.41
N ILE B 142 3.53 -14.89 12.87
CA ILE B 142 4.52 -15.91 13.21
C ILE B 142 3.87 -17.29 13.16
N PHE B 143 4.55 -18.24 12.53
CA PHE B 143 4.07 -19.61 12.41
C PHE B 143 5.13 -20.57 12.94
N ILE B 144 4.68 -21.59 13.68
CA ILE B 144 5.56 -22.56 14.31
C ILE B 144 5.16 -23.96 13.87
N ASN B 145 6.15 -24.76 13.51
CA ASN B 145 5.96 -26.18 13.21
C ASN B 145 6.90 -27.00 14.08
N LEU B 146 6.40 -28.11 14.60
CA LEU B 146 7.16 -28.94 15.52
C LEU B 146 7.23 -30.37 15.01
N SER B 147 8.36 -31.02 15.28
CA SER B 147 8.57 -32.38 14.83
C SER B 147 7.66 -33.34 15.60
N PRO B 148 7.20 -34.42 14.95
CA PRO B 148 6.27 -35.34 15.63
C PRO B 148 6.83 -36.03 16.86
N GLU B 149 8.14 -36.26 16.96
CA GLU B 149 8.67 -37.00 18.10
C GLU B 149 8.60 -36.23 19.41
N PHE B 150 8.25 -34.94 19.37
CA PHE B 150 8.05 -34.16 20.58
C PHE B 150 6.60 -34.21 21.07
N LYS B 151 5.81 -35.13 20.53
CA LYS B 151 4.40 -35.21 20.87
C LYS B 151 4.22 -35.56 22.35
N GLY B 152 3.31 -34.84 23.02
CA GLY B 152 3.00 -35.12 24.39
C GLY B 152 4.03 -34.67 25.40
N ARG B 153 5.01 -33.88 24.99
CA ARG B 153 6.08 -33.42 25.90
C ARG B 153 6.32 -31.93 25.79
N VAL B 154 5.33 -31.17 25.32
CA VAL B 154 5.49 -29.74 25.08
C VAL B 154 4.41 -29.00 25.86
N CYS B 155 4.81 -27.97 26.59
CA CYS B 155 3.89 -27.13 27.35
C CYS B 155 4.07 -25.68 26.94
N GLY B 156 2.97 -24.94 26.87
CA GLY B 156 3.04 -23.55 26.50
C GLY B 156 1.69 -23.06 26.01
N LEU B 157 1.69 -21.82 25.50
CA LEU B 157 0.48 -21.23 24.97
C LEU B 157 -0.03 -21.96 23.72
N CYS B 158 0.85 -22.67 23.02
CA CYS B 158 0.44 -23.44 21.85
C CYS B 158 -0.35 -24.69 22.23
N GLY B 159 -0.41 -25.04 23.51
CA GLY B 159 -1.11 -26.23 23.94
C GLY B 159 -0.26 -27.48 23.83
N ASN B 160 -0.66 -28.51 24.58
CA ASN B 160 0.10 -29.75 24.58
C ASN B 160 -0.08 -30.47 23.25
N PHE B 161 1.04 -30.88 22.66
CA PHE B 161 1.03 -31.57 21.37
C PHE B 161 0.59 -33.01 21.62
N ASP B 162 -0.72 -33.24 21.53
CA ASP B 162 -1.27 -34.58 21.77
C ASP B 162 -2.38 -34.96 20.80
N ASP B 163 -2.59 -34.20 19.73
CA ASP B 163 -3.57 -34.49 18.69
C ASP B 163 -5.00 -34.58 19.24
N ILE B 164 -5.26 -33.95 20.39
CA ILE B 164 -6.58 -33.93 20.98
C ILE B 164 -6.95 -32.47 21.24
N ALA B 165 -8.09 -32.05 20.72
CA ALA B 165 -8.49 -30.65 20.75
C ALA B 165 -9.27 -30.27 22.00
N VAL B 166 -9.49 -31.21 22.92
CA VAL B 166 -10.28 -30.92 24.12
C VAL B 166 -9.40 -30.67 25.35
N ASN B 167 -8.15 -31.11 25.32
CA ASN B 167 -7.25 -30.94 26.47
C ASN B 167 -6.11 -29.97 26.16
N ASP B 168 -6.23 -29.19 25.09
CA ASP B 168 -5.18 -28.24 24.74
C ASP B 168 -5.15 -27.03 25.66
N PHE B 169 -6.14 -26.87 26.53
CA PHE B 169 -6.21 -25.74 27.45
C PHE B 169 -5.46 -25.99 28.75
N ALA B 170 -4.50 -26.91 28.74
CA ALA B 170 -3.71 -27.17 29.94
C ALA B 170 -2.83 -25.98 30.29
N THR B 171 -2.79 -25.64 31.57
CA THR B 171 -2.03 -24.51 32.06
C THR B 171 -0.67 -24.98 32.58
N ARG B 172 0.05 -24.07 33.25
CA ARG B 172 1.34 -24.42 33.83
C ARG B 172 1.18 -25.47 34.93
N SER B 173 0.05 -25.47 35.63
CA SER B 173 -0.23 -26.47 36.65
C SER B 173 -0.64 -27.81 36.06
N ARG B 174 -0.47 -28.01 34.76
CA ARG B 174 -0.82 -29.26 34.08
C ARG B 174 -2.30 -29.60 34.28
N SER B 175 -3.15 -28.58 34.26
CA SER B 175 -4.59 -28.76 34.42
C SER B 175 -5.30 -28.04 33.28
N VAL B 176 -6.21 -28.75 32.61
CA VAL B 176 -6.96 -28.18 31.50
C VAL B 176 -8.18 -27.46 32.05
N VAL B 177 -8.30 -26.18 31.73
CA VAL B 177 -9.41 -25.35 32.19
C VAL B 177 -10.09 -24.73 30.98
N GLY B 178 -11.42 -24.83 30.94
CA GLY B 178 -12.17 -24.27 29.82
C GLY B 178 -12.05 -22.76 29.69
N ASP B 179 -11.70 -22.07 30.77
CA ASP B 179 -11.52 -20.63 30.70
C ASP B 179 -10.36 -20.27 29.79
N VAL B 180 -10.51 -19.19 29.04
CA VAL B 180 -9.50 -18.76 28.08
C VAL B 180 -8.68 -17.60 28.63
N LEU B 181 -9.33 -16.61 29.25
CA LEU B 181 -8.60 -15.48 29.79
C LEU B 181 -7.65 -15.91 30.90
N GLU B 182 -8.12 -16.77 31.81
CA GLU B 182 -7.26 -17.27 32.87
C GLU B 182 -6.11 -18.09 32.31
N PHE B 183 -6.39 -18.93 31.32
CA PHE B 183 -5.33 -19.73 30.71
C PHE B 183 -4.28 -18.85 30.05
N GLY B 184 -4.71 -17.80 29.36
CA GLY B 184 -3.77 -16.88 28.74
C GLY B 184 -2.94 -16.12 29.77
N ASN B 185 -3.58 -15.67 30.84
CA ASN B 185 -2.86 -14.91 31.86
C ASN B 185 -1.93 -15.79 32.69
N SER B 186 -2.19 -17.10 32.74
CA SER B 186 -1.35 -17.99 33.53
C SER B 186 0.03 -18.22 32.91
N TRP B 187 0.23 -17.87 31.64
CA TRP B 187 1.50 -18.09 30.96
C TRP B 187 2.37 -16.83 30.90
N LYS B 188 2.04 -15.81 31.69
CA LYS B 188 2.82 -14.59 31.68
C LYS B 188 4.19 -14.81 32.33
N LEU B 189 5.14 -13.96 31.96
CA LEU B 189 6.50 -14.01 32.49
C LEU B 189 6.75 -12.98 33.57
N SER B 190 6.46 -11.72 33.30
CA SER B 190 6.64 -10.67 34.29
C SER B 190 5.59 -10.78 35.38
N PRO B 191 5.98 -10.93 36.65
CA PRO B 191 4.98 -11.01 37.73
C PRO B 191 4.37 -9.68 38.11
N SER B 192 4.71 -8.59 37.41
CA SER B 192 4.20 -7.27 37.75
C SER B 192 3.14 -6.76 36.77
N CYS B 193 3.08 -7.30 35.56
CA CYS B 193 2.08 -6.84 34.61
C CYS B 193 0.67 -7.24 35.08
N PRO B 194 -0.32 -6.39 34.87
CA PRO B 194 -1.67 -6.70 35.36
C PRO B 194 -2.33 -7.78 34.53
N ASP B 195 -3.43 -8.31 35.08
CA ASP B 195 -4.19 -9.36 34.40
C ASP B 195 -4.84 -8.82 33.14
N ALA B 196 -4.93 -9.68 32.13
CA ALA B 196 -5.54 -9.30 30.87
C ALA B 196 -7.06 -9.21 31.02
N LEU B 197 -7.67 -8.43 30.13
CA LEU B 197 -9.11 -8.20 30.15
C LEU B 197 -9.73 -8.66 28.84
N ALA B 198 -11.05 -8.80 28.85
CA ALA B 198 -11.77 -9.23 27.67
C ALA B 198 -11.76 -8.12 26.62
N PRO B 199 -11.59 -8.45 25.35
CA PRO B 199 -11.59 -7.42 24.31
C PRO B 199 -12.98 -6.89 24.04
N LYS B 200 -13.04 -5.77 23.34
CA LYS B 200 -14.29 -5.15 22.93
C LYS B 200 -14.57 -5.49 21.47
N ASP B 201 -15.63 -4.86 20.92
CA ASP B 201 -15.99 -5.10 19.53
C ASP B 201 -15.39 -4.01 18.67
N PRO B 202 -14.40 -4.32 17.83
CA PRO B 202 -13.77 -3.26 17.01
C PRO B 202 -14.74 -2.58 16.06
N CYS B 203 -15.69 -3.32 15.48
CA CYS B 203 -16.60 -2.72 14.52
C CYS B 203 -17.63 -1.84 15.20
N THR B 204 -18.08 -2.23 16.40
CA THR B 204 -18.92 -1.34 17.18
C THR B 204 -18.16 -0.09 17.60
N ALA B 205 -16.87 -0.25 17.91
CA ALA B 205 -16.05 0.90 18.30
C ALA B 205 -15.86 1.86 17.13
N ASN B 206 -15.71 1.33 15.91
CA ASN B 206 -15.46 2.14 14.72
C ASN B 206 -16.48 1.78 13.64
N PRO B 207 -17.74 2.18 13.85
CA PRO B 207 -18.77 1.85 12.84
C PRO B 207 -18.52 2.46 11.48
N PHE B 208 -17.91 3.65 11.42
CA PHE B 208 -17.72 4.31 10.14
C PHE B 208 -16.73 3.54 9.26
N ARG B 209 -15.93 2.66 9.85
CA ARG B 209 -14.99 1.85 9.09
C ARG B 209 -15.61 0.56 8.57
N LYS B 210 -16.86 0.27 8.95
CA LYS B 210 -17.45 -1.03 8.65
C LYS B 210 -17.62 -1.25 7.17
N SER B 211 -18.07 -0.21 6.45
CA SER B 211 -18.33 -0.36 5.01
C SER B 211 -17.03 -0.69 4.27
N TRP B 212 -15.99 0.10 4.49
CA TRP B 212 -14.72 -0.15 3.84
C TRP B 212 -14.13 -1.49 4.26
N ALA B 213 -14.25 -1.83 5.54
CA ALA B 213 -13.73 -3.09 6.05
C ALA B 213 -14.39 -4.27 5.35
N GLN B 214 -15.72 -4.26 5.28
CA GLN B 214 -16.43 -5.36 4.64
C GLN B 214 -16.13 -5.42 3.15
N LYS B 215 -16.07 -4.25 2.49
CA LYS B 215 -15.75 -4.23 1.08
C LYS B 215 -14.39 -4.84 0.80
N GLN B 216 -13.41 -4.52 1.65
CA GLN B 216 -12.05 -5.03 1.42
C GLN B 216 -11.94 -6.52 1.77
N CYS B 217 -12.57 -6.94 2.88
CA CYS B 217 -12.48 -8.34 3.29
C CYS B 217 -13.43 -9.25 2.53
N SER B 218 -14.30 -8.71 1.68
CA SER B 218 -15.19 -9.54 0.89
C SER B 218 -14.47 -10.40 -0.12
N ILE B 219 -13.19 -10.13 -0.40
CA ILE B 219 -12.44 -10.95 -1.33
C ILE B 219 -12.30 -12.38 -0.84
N LEU B 220 -12.45 -12.61 0.47
CA LEU B 220 -12.40 -13.96 1.00
C LEU B 220 -13.57 -14.79 0.48
N HIS B 221 -14.76 -14.21 0.40
CA HIS B 221 -15.95 -14.90 -0.07
C HIS B 221 -16.10 -14.83 -1.59
N GLY B 222 -15.17 -14.19 -2.29
CA GLY B 222 -15.27 -14.05 -3.72
C GLY B 222 -14.84 -15.31 -4.45
N PRO B 223 -14.86 -15.22 -5.79
CA PRO B 223 -14.48 -16.39 -6.60
C PRO B 223 -13.03 -16.79 -6.46
N THR B 224 -12.18 -15.93 -5.92
CA THR B 224 -10.76 -16.26 -5.82
C THR B 224 -10.52 -17.47 -4.93
N PHE B 225 -11.25 -17.56 -3.81
CA PHE B 225 -11.09 -18.67 -2.87
C PHE B 225 -12.17 -19.73 -3.04
N ALA B 226 -12.73 -19.85 -4.24
CA ALA B 226 -13.77 -20.85 -4.48
C ALA B 226 -13.22 -22.26 -4.29
N ALA B 227 -12.00 -22.52 -4.79
CA ALA B 227 -11.40 -23.83 -4.63
C ALA B 227 -11.15 -24.14 -3.16
N CYS B 228 -10.65 -23.15 -2.40
CA CYS B 228 -10.40 -23.36 -0.98
C CYS B 228 -11.69 -23.53 -0.19
N HIS B 229 -12.81 -22.99 -0.68
CA HIS B 229 -14.06 -23.10 0.05
C HIS B 229 -14.47 -24.54 0.29
N ALA B 230 -14.08 -25.46 -0.60
CA ALA B 230 -14.46 -26.85 -0.43
C ALA B 230 -13.67 -27.53 0.67
N HIS B 231 -12.46 -27.08 0.94
CA HIS B 231 -11.60 -27.75 1.92
C HIS B 231 -11.73 -27.13 3.31
N VAL B 232 -11.47 -25.84 3.43
CA VAL B 232 -11.49 -25.16 4.71
C VAL B 232 -12.65 -24.17 4.73
N GLU B 233 -13.14 -23.88 5.94
CA GLU B 233 -14.25 -22.95 6.11
C GLU B 233 -13.70 -21.58 6.44
N PRO B 234 -13.88 -20.58 5.58
CA PRO B 234 -13.29 -19.26 5.84
C PRO B 234 -14.14 -18.32 6.68
N ALA B 235 -15.19 -18.81 7.34
CA ALA B 235 -16.03 -17.94 8.15
C ALA B 235 -15.22 -17.33 9.30
N ARG B 236 -14.43 -18.15 9.98
CA ARG B 236 -13.60 -17.64 11.06
C ARG B 236 -12.59 -16.63 10.56
N TYR B 237 -11.95 -16.92 9.42
CA TYR B 237 -10.99 -15.98 8.86
C TYR B 237 -11.67 -14.73 8.34
N TYR B 238 -12.89 -14.85 7.82
CA TYR B 238 -13.65 -13.66 7.41
C TYR B 238 -13.93 -12.77 8.61
N GLU B 239 -14.36 -13.35 9.72
CA GLU B 239 -14.60 -12.58 10.93
C GLU B 239 -13.30 -11.94 11.43
N ALA B 240 -12.20 -12.69 11.34
CA ALA B 240 -10.91 -12.13 11.75
C ALA B 240 -10.52 -10.93 10.90
N CYS B 241 -10.71 -11.04 9.58
CA CYS B 241 -10.40 -9.91 8.70
C CYS B 241 -11.26 -8.70 9.02
N VAL B 242 -12.56 -8.92 9.25
CA VAL B 242 -13.45 -7.81 9.54
C VAL B 242 -13.04 -7.13 10.85
N ASN B 243 -12.78 -7.93 11.88
CA ASN B 243 -12.40 -7.35 13.17
C ASN B 243 -11.06 -6.63 13.08
N ASP B 244 -10.10 -7.20 12.35
CA ASP B 244 -8.79 -6.57 12.23
C ASP B 244 -8.90 -5.24 11.51
N ALA B 245 -9.67 -5.19 10.42
CA ALA B 245 -9.84 -3.94 9.69
C ALA B 245 -10.57 -2.91 10.54
N CYS B 246 -11.57 -3.34 11.30
CA CYS B 246 -12.30 -2.42 12.17
C CYS B 246 -11.39 -1.85 13.25
N ALA B 247 -10.55 -2.69 13.84
CA ALA B 247 -9.73 -2.25 14.99
C ALA B 247 -8.63 -1.29 14.56
N CYS B 248 -7.96 -1.58 13.45
CA CYS B 248 -6.81 -0.79 13.01
C CYS B 248 -7.22 0.64 12.74
N ASP B 249 -6.80 1.57 13.59
CA ASP B 249 -7.20 2.96 13.51
C ASP B 249 -6.06 3.88 13.13
N SER B 250 -4.89 3.71 13.73
CA SER B 250 -3.74 4.53 13.37
C SER B 250 -3.25 4.17 11.98
N GLY B 251 -2.35 4.99 11.46
CA GLY B 251 -1.84 4.81 10.11
C GLY B 251 -1.19 3.45 9.90
N GLY B 252 -1.55 2.79 8.80
CA GLY B 252 -1.00 1.48 8.50
C GLY B 252 -2.06 0.41 8.37
N ASP B 253 -3.29 0.81 8.04
CA ASP B 253 -4.37 -0.15 7.88
C ASP B 253 -4.10 -1.12 6.74
N CYS B 254 -3.28 -0.70 5.77
CA CYS B 254 -2.91 -1.60 4.67
C CYS B 254 -2.21 -2.85 5.21
N GLU B 255 -1.30 -2.67 6.17
CA GLU B 255 -0.68 -3.82 6.82
C GLU B 255 -1.70 -4.62 7.61
N CYS B 256 -2.59 -3.92 8.33
CA CYS B 256 -3.61 -4.59 9.13
C CYS B 256 -4.55 -5.45 8.30
N PHE B 257 -4.68 -5.16 7.01
CA PHE B 257 -5.49 -5.96 6.10
C PHE B 257 -4.68 -7.03 5.37
N CYS B 258 -3.46 -6.68 4.95
CA CYS B 258 -2.61 -7.63 4.24
C CYS B 258 -2.25 -8.81 5.12
N THR B 259 -1.94 -8.55 6.40
CA THR B 259 -1.63 -9.66 7.31
C THR B 259 -2.83 -10.57 7.48
N ALA B 260 -4.03 -10.00 7.62
CA ALA B 260 -5.22 -10.80 7.80
C ALA B 260 -5.48 -11.69 6.59
N VAL B 261 -5.30 -11.14 5.38
CA VAL B 261 -5.51 -11.96 4.20
C VAL B 261 -4.41 -13.02 4.06
N ALA B 262 -3.16 -12.65 4.33
CA ALA B 262 -2.05 -13.58 4.16
C ALA B 262 -2.14 -14.73 5.16
N ALA B 263 -2.75 -14.52 6.32
CA ALA B 263 -2.93 -15.61 7.26
C ALA B 263 -3.77 -16.73 6.64
N TYR B 264 -4.92 -16.39 6.08
CA TYR B 264 -5.74 -17.39 5.41
C TYR B 264 -5.06 -17.93 4.17
N ALA B 265 -4.28 -17.10 3.46
CA ALA B 265 -3.56 -17.60 2.30
C ALA B 265 -2.57 -18.69 2.70
N GLN B 266 -1.82 -18.47 3.77
CA GLN B 266 -0.88 -19.49 4.25
C GLN B 266 -1.62 -20.71 4.75
N ALA B 267 -2.74 -20.52 5.45
CA ALA B 267 -3.51 -21.66 5.93
C ALA B 267 -3.98 -22.53 4.77
N CYS B 268 -4.46 -21.90 3.69
CA CYS B 268 -4.84 -22.65 2.51
C CYS B 268 -3.65 -23.34 1.86
N HIS B 269 -2.51 -22.64 1.76
CA HIS B 269 -1.33 -23.21 1.16
C HIS B 269 -0.79 -24.40 1.96
N GLU B 270 -1.10 -24.47 3.25
CA GLU B 270 -0.64 -25.59 4.06
C GLU B 270 -1.27 -26.90 3.60
N VAL B 271 -2.50 -26.86 3.08
CA VAL B 271 -3.14 -28.07 2.59
C VAL B 271 -2.44 -28.58 1.35
N GLY B 272 -1.98 -27.67 0.48
CA GLY B 272 -1.29 -28.08 -0.72
C GLY B 272 -1.89 -27.54 -1.99
N LEU B 273 -2.61 -26.43 -1.91
CA LEU B 273 -3.23 -25.79 -3.05
C LEU B 273 -2.72 -24.37 -3.18
N CYS B 274 -2.39 -23.96 -4.41
CA CYS B 274 -1.84 -22.65 -4.68
C CYS B 274 -2.94 -21.68 -5.09
N VAL B 275 -2.97 -20.51 -4.46
CA VAL B 275 -3.97 -19.50 -4.72
C VAL B 275 -3.26 -18.17 -5.00
N SER B 276 -3.63 -17.53 -6.10
CA SER B 276 -3.08 -16.22 -6.48
C SER B 276 -4.14 -15.15 -6.20
N TRP B 277 -3.78 -14.16 -5.39
CA TRP B 277 -4.74 -13.13 -5.00
C TRP B 277 -4.20 -11.71 -5.06
N ARG B 278 -2.90 -11.49 -5.16
CA ARG B 278 -2.36 -10.14 -5.13
C ARG B 278 -2.64 -9.41 -6.44
N THR B 279 -3.12 -8.18 -6.33
CA THR B 279 -3.43 -7.33 -7.47
C THR B 279 -2.86 -5.95 -7.21
N PRO B 280 -2.50 -5.20 -8.26
CA PRO B 280 -1.92 -3.86 -8.06
C PRO B 280 -2.83 -2.89 -7.32
N SER B 281 -4.09 -3.25 -7.08
CA SER B 281 -4.99 -2.39 -6.32
C SER B 281 -5.18 -2.83 -4.88
N ILE B 282 -4.93 -4.10 -4.57
CA ILE B 282 -5.15 -4.65 -3.23
C ILE B 282 -3.89 -5.37 -2.80
N CYS B 283 -3.29 -4.93 -1.69
CA CYS B 283 -2.08 -5.51 -1.12
C CYS B 283 -0.99 -5.66 -2.17
N PRO B 284 -0.49 -4.57 -2.73
CA PRO B 284 0.50 -4.68 -3.81
C PRO B 284 1.88 -5.00 -3.29
N LEU B 285 2.74 -5.45 -4.21
CA LEU B 285 4.13 -5.76 -3.91
C LEU B 285 5.02 -5.03 -4.88
N PHE B 286 6.24 -4.72 -4.43
CA PHE B 286 7.24 -4.03 -5.23
C PHE B 286 8.46 -4.93 -5.31
N CYS B 287 8.45 -5.83 -6.29
CA CYS B 287 9.56 -6.76 -6.49
C CYS B 287 10.58 -6.27 -7.50
N ASP B 288 10.41 -5.06 -8.04
CA ASP B 288 11.35 -4.52 -9.01
C ASP B 288 12.39 -3.61 -8.37
N TYR B 289 12.22 -3.21 -7.10
CA TYR B 289 13.14 -2.27 -6.49
C TYR B 289 14.54 -2.86 -6.37
N TYR B 290 14.65 -4.13 -5.97
CA TYR B 290 15.95 -4.74 -5.78
C TYR B 290 16.69 -4.94 -7.09
N ASN B 291 16.01 -4.85 -8.21
CA ASN B 291 16.66 -5.07 -9.50
C ASN B 291 17.62 -3.92 -9.80
N PRO B 292 18.88 -4.20 -10.10
CA PRO B 292 19.79 -3.14 -10.54
C PRO B 292 19.44 -2.67 -11.94
N GLU B 293 20.14 -1.65 -12.42
CA GLU B 293 19.79 -1.05 -13.71
C GLU B 293 20.12 -1.99 -14.86
N GLY B 294 19.16 -2.20 -15.74
CA GLY B 294 19.36 -2.98 -16.94
C GLY B 294 19.10 -4.46 -16.81
N GLN B 295 18.89 -4.96 -15.59
CA GLN B 295 18.69 -6.39 -15.36
C GLN B 295 17.36 -6.61 -14.66
N CYS B 296 16.60 -7.59 -15.15
CA CYS B 296 15.33 -7.98 -14.55
C CYS B 296 15.39 -9.46 -14.20
N GLU B 297 15.39 -9.77 -12.90
CA GLU B 297 15.53 -11.14 -12.45
C GLU B 297 14.67 -11.46 -11.24
N TRP B 298 13.75 -10.58 -10.85
CA TRP B 298 12.91 -10.80 -9.68
C TRP B 298 11.46 -10.88 -10.12
N HIS B 299 10.76 -11.91 -9.64
CA HIS B 299 9.36 -12.12 -9.99
C HIS B 299 8.58 -12.48 -8.73
N TYR B 300 7.27 -12.51 -8.87
CA TYR B 300 6.37 -12.85 -7.77
C TYR B 300 5.83 -14.26 -8.00
N GLN B 301 6.05 -15.14 -7.03
CA GLN B 301 5.61 -16.54 -7.13
C GLN B 301 4.60 -16.83 -6.03
N PRO B 302 3.31 -16.88 -6.34
CA PRO B 302 2.31 -17.13 -5.29
C PRO B 302 2.49 -18.47 -4.59
N CYS B 303 2.88 -19.51 -5.33
CA CYS B 303 3.03 -20.82 -4.71
C CYS B 303 4.31 -20.90 -3.88
N GLY B 304 5.35 -20.16 -4.25
CA GLY B 304 6.62 -20.25 -3.58
C GLY B 304 7.53 -21.26 -4.24
N VAL B 305 8.79 -20.92 -4.39
CA VAL B 305 9.74 -21.82 -5.07
C VAL B 305 9.94 -23.06 -4.20
N PRO B 306 9.74 -24.27 -4.74
CA PRO B 306 9.98 -25.47 -3.92
C PRO B 306 11.44 -25.64 -3.53
N CYS B 307 12.36 -25.46 -4.47
CA CYS B 307 13.78 -25.54 -4.18
C CYS B 307 14.54 -24.69 -5.17
N LEU B 308 15.61 -24.05 -4.68
CA LEU B 308 16.42 -23.14 -5.48
C LEU B 308 17.89 -23.55 -5.37
N ARG B 309 18.78 -22.71 -5.89
CA ARG B 309 20.21 -22.98 -5.91
C ARG B 309 20.94 -21.77 -5.32
N THR B 310 21.78 -22.02 -4.33
CA THR B 310 22.54 -20.96 -3.67
C THR B 310 23.91 -21.52 -3.30
N CYS B 311 24.72 -20.71 -2.62
CA CYS B 311 26.05 -21.15 -2.20
C CYS B 311 25.95 -22.29 -1.18
N ARG B 312 25.04 -22.17 -0.21
CA ARG B 312 24.90 -23.22 0.80
C ARG B 312 24.28 -24.48 0.20
N ASN B 313 23.23 -24.32 -0.59
CA ASN B 313 22.54 -25.45 -1.21
C ASN B 313 22.96 -25.56 -2.66
N PRO B 314 23.75 -26.56 -3.05
CA PRO B 314 24.23 -26.64 -4.44
C PRO B 314 23.11 -26.85 -5.44
N ARG B 315 23.46 -26.89 -6.72
CA ARG B 315 22.46 -27.03 -7.76
C ARG B 315 21.71 -28.35 -7.64
N GLY B 316 22.45 -29.44 -7.38
CA GLY B 316 21.80 -30.73 -7.23
C GLY B 316 20.91 -30.80 -6.00
N ASP B 317 21.39 -30.27 -4.88
CA ASP B 317 20.62 -30.31 -3.65
C ASP B 317 19.47 -29.30 -3.70
N CYS B 318 18.33 -29.69 -3.17
CA CYS B 318 17.16 -28.81 -3.09
C CYS B 318 16.74 -28.54 -1.66
N LEU B 319 16.58 -29.59 -0.85
CA LEU B 319 16.12 -29.47 0.54
C LEU B 319 14.77 -28.74 0.60
N ARG B 320 13.77 -29.35 -0.03
CA ARG B 320 12.43 -28.78 -0.11
C ARG B 320 11.70 -29.05 1.20
N ASP B 321 12.08 -28.30 2.23
CA ASP B 321 11.49 -28.41 3.55
C ASP B 321 10.45 -27.33 3.82
N VAL B 322 10.08 -26.55 2.81
CA VAL B 322 9.12 -25.48 2.97
C VAL B 322 7.71 -26.04 2.85
N TRP B 323 6.74 -25.27 3.33
CA TRP B 323 5.33 -25.65 3.27
C TRP B 323 4.55 -24.81 2.27
N GLY B 324 5.23 -24.00 1.46
CA GLY B 324 4.56 -23.14 0.51
C GLY B 324 4.47 -21.71 1.00
N LEU B 325 5.28 -20.83 0.45
CA LEU B 325 5.32 -19.43 0.84
C LEU B 325 5.02 -18.56 -0.37
N GLU B 326 5.17 -17.25 -0.19
CA GLU B 326 4.97 -16.31 -1.28
C GLU B 326 5.85 -15.09 -1.05
N GLY B 327 6.12 -14.37 -2.13
CA GLY B 327 6.95 -13.18 -2.06
C GLY B 327 7.87 -13.03 -3.24
N CYS B 328 8.64 -11.95 -3.28
CA CYS B 328 9.57 -11.73 -4.39
C CYS B 328 10.72 -12.73 -4.31
N TYR B 329 11.00 -13.38 -5.43
CA TYR B 329 12.08 -14.34 -5.51
C TYR B 329 12.94 -14.04 -6.72
N PRO B 330 14.25 -14.28 -6.64
CA PRO B 330 15.13 -13.96 -7.77
C PRO B 330 15.14 -15.09 -8.78
N LYS B 331 14.85 -14.75 -10.04
CA LYS B 331 14.91 -15.70 -11.15
C LYS B 331 16.25 -15.49 -11.84
N CYS B 332 17.22 -16.33 -11.48
CA CYS B 332 18.56 -16.18 -12.01
C CYS B 332 18.56 -16.43 -13.52
N PRO B 333 19.37 -15.70 -14.27
CA PRO B 333 19.47 -15.93 -15.71
C PRO B 333 20.17 -17.25 -15.99
N PRO B 334 20.10 -17.75 -17.22
CA PRO B 334 20.86 -18.97 -17.55
C PRO B 334 22.35 -18.82 -17.28
N GLU B 335 22.91 -17.63 -17.51
CA GLU B 335 24.27 -17.33 -17.09
C GLU B 335 24.28 -17.07 -15.59
N ALA B 336 25.18 -17.75 -14.88
CA ALA B 336 25.23 -17.71 -13.42
C ALA B 336 23.87 -18.04 -12.83
N PRO B 337 23.40 -19.29 -12.96
CA PRO B 337 22.06 -19.62 -12.50
C PRO B 337 22.01 -20.00 -11.02
N ILE B 338 23.09 -19.70 -10.30
CA ILE B 338 23.20 -20.01 -8.88
C ILE B 338 23.12 -18.71 -8.09
N PHE B 339 22.18 -18.66 -7.15
CA PHE B 339 22.04 -17.47 -6.32
C PHE B 339 23.14 -17.42 -5.26
N ASP B 340 23.23 -16.29 -4.56
CA ASP B 340 24.20 -16.09 -3.50
C ASP B 340 23.56 -15.87 -2.14
N GLU B 341 22.47 -15.12 -2.07
CA GLU B 341 21.71 -14.81 -0.87
C GLU B 341 22.48 -13.91 0.10
N ASP B 342 23.73 -13.56 -0.22
CA ASP B 342 24.49 -12.60 0.58
C ASP B 342 24.54 -11.22 -0.07
N LYS B 343 24.74 -11.17 -1.38
CA LYS B 343 24.71 -9.92 -2.13
C LYS B 343 23.42 -9.74 -2.91
N MET B 344 22.43 -10.60 -2.68
CA MET B 344 21.14 -10.54 -3.39
C MET B 344 21.34 -10.58 -4.90
N GLN B 345 22.24 -11.44 -5.36
CA GLN B 345 22.56 -11.54 -6.78
C GLN B 345 22.95 -12.98 -7.11
N CYS B 346 22.93 -13.29 -8.39
CA CYS B 346 23.24 -14.63 -8.88
C CYS B 346 24.70 -14.68 -9.32
N VAL B 347 25.44 -15.67 -8.83
CA VAL B 347 26.86 -15.83 -9.14
C VAL B 347 27.08 -17.23 -9.69
N ALA B 348 27.94 -17.33 -10.70
CA ALA B 348 28.20 -18.62 -11.33
C ALA B 348 28.90 -19.58 -10.37
N THR B 349 29.90 -19.10 -9.65
CA THR B 349 30.68 -19.92 -8.73
C THR B 349 30.67 -19.31 -7.34
N CYS B 350 30.37 -20.12 -6.33
CA CYS B 350 30.33 -19.66 -4.95
C CYS B 350 31.65 -20.00 -4.27
N PRO B 351 32.45 -19.00 -3.86
CA PRO B 351 33.73 -19.23 -3.19
C PRO B 351 33.57 -19.94 -1.84
CA CA C . -4.52 37.29 -11.74
CA CA D . -4.60 -31.10 23.66
#